data_2Y40
#
_entry.id   2Y40
#
_cell.length_a   85.490
_cell.length_b   112.010
_cell.length_c   82.260
_cell.angle_alpha   90.00
_cell.angle_beta   90.00
_cell.angle_gamma   90.00
#
_symmetry.space_group_name_H-M   'P 21 21 2'
#
loop_
_entity.id
_entity.type
_entity.pdbx_description
1 polymer '3-ISOPROPYLMALATE DEHYDROGENASE'
2 non-polymer 'MANGANESE (II) ION'
3 water water
#
_entity_poly.entity_id   1
_entity_poly.type   'polypeptide(L)'
_entity_poly.pdbx_seq_one_letter_code
;MASMKVAVLPGDGIGPEVTEAALKVLRALDEAEGLGLAYEVFPFGGAAIDAFGEPFPEPTRKGVEEAEAVLLGSVGGPKW
DGLPRKIRPETGLLSLRKSQDLFANLRPAKVFPGLERLSPLKEEIARGVDVLIVRELTGGIYFGEPRGMSEAEAWNTERY
SKPEVERVARVAFEAARKRRKHVVSVDKANVLEVGEFWRKTVEEVGRGYPDVALEHQYVDAMAMHLVRSPARFDVVVTGN
IFGDILSDLASVLPGSLGLLPSASLGRGTPVFEPVHGSAPDIAGKGIANPTAAILSAAMMLEHAFGLVELARKVEDAVAK
ALLETPPPDLGGSAGTEAFTATVLRHLAAAALEHHHHHH
;
_entity_poly.pdbx_strand_id   A,B
#
loop_
_chem_comp.id
_chem_comp.type
_chem_comp.name
_chem_comp.formula
MN non-polymer 'MANGANESE (II) ION' 'Mn 2'
#
# COMPACT_ATOMS: atom_id res chain seq x y z
N MET A 4 13.01 -26.99 25.84
CA MET A 4 12.42 -26.46 24.56
C MET A 4 11.29 -27.41 24.09
N LYS A 5 10.08 -27.13 24.55
CA LYS A 5 8.93 -27.99 24.27
C LYS A 5 8.09 -27.36 23.19
N VAL A 6 7.92 -28.12 22.08
CA VAL A 6 7.20 -27.70 20.87
C VAL A 6 6.02 -28.63 20.54
N ALA A 7 4.86 -28.05 20.29
CA ALA A 7 3.73 -28.80 19.82
C ALA A 7 3.76 -28.52 18.30
N VAL A 8 3.81 -29.62 17.55
CA VAL A 8 3.92 -29.66 16.10
C VAL A 8 2.60 -30.09 15.45
N LEU A 9 2.05 -29.16 14.67
CA LEU A 9 0.83 -29.30 13.94
C LEU A 9 1.20 -29.28 12.46
N PRO A 10 1.49 -30.47 11.88
CA PRO A 10 1.87 -30.59 10.45
C PRO A 10 0.79 -30.09 9.49
N GLY A 11 -0.46 -30.42 9.77
CA GLY A 11 -1.58 -30.04 8.91
C GLY A 11 -1.75 -30.85 7.62
N ASP A 12 -2.17 -30.17 6.56
CA ASP A 12 -2.47 -30.73 5.23
C ASP A 12 -1.42 -30.54 4.15
N GLY A 13 -1.63 -31.23 3.04
CA GLY A 13 -0.73 -31.14 1.87
C GLY A 13 0.76 -31.30 2.19
N ILE A 14 1.49 -30.23 1.95
CA ILE A 14 2.93 -30.15 2.11
C ILE A 14 3.32 -29.83 3.57
N GLY A 15 2.37 -29.31 4.32
CA GLY A 15 2.59 -29.00 5.70
C GLY A 15 3.49 -30.04 6.38
N PRO A 16 3.08 -31.34 6.41
CA PRO A 16 3.96 -32.31 7.12
C PRO A 16 5.40 -32.50 6.57
N GLU A 17 5.58 -32.34 5.26
CA GLU A 17 6.89 -32.52 4.61
C GLU A 17 7.82 -31.36 4.92
N VAL A 18 7.30 -30.13 4.89
CA VAL A 18 8.13 -28.97 5.13
C VAL A 18 8.31 -28.80 6.61
N THR A 19 7.39 -29.28 7.41
CA THR A 19 7.55 -29.27 8.87
C THR A 19 8.64 -30.31 9.28
N GLU A 20 8.68 -31.46 8.62
CA GLU A 20 9.71 -32.40 8.94
C GLU A 20 11.08 -31.79 8.68
N ALA A 21 11.24 -31.14 7.52
CA ALA A 21 12.48 -30.50 7.18
C ALA A 21 12.95 -29.55 8.28
N ALA A 22 12.03 -28.69 8.75
CA ALA A 22 12.35 -27.78 9.83
C ALA A 22 12.77 -28.55 11.06
N LEU A 23 12.12 -29.67 11.36
CA LEU A 23 12.58 -30.42 12.53
C LEU A 23 14.03 -30.91 12.32
N LYS A 24 14.42 -31.26 11.10
CA LYS A 24 15.78 -31.74 10.88
C LYS A 24 16.82 -30.70 11.29
N VAL A 25 16.45 -29.43 11.19
CA VAL A 25 17.35 -28.34 11.53
C VAL A 25 17.36 -28.24 13.04
N LEU A 26 16.16 -28.21 13.61
CA LEU A 26 16.04 -28.20 15.02
C LEU A 26 16.82 -29.36 15.62
N ARG A 27 16.81 -30.52 14.97
CA ARG A 27 17.48 -31.67 15.61
C ARG A 27 18.99 -31.55 15.53
N ALA A 28 19.46 -30.97 14.42
CA ALA A 28 20.85 -30.76 14.18
C ALA A 28 21.40 -29.80 15.26
N LEU A 29 20.59 -28.77 15.55
CA LEU A 29 20.92 -27.77 16.56
C LEU A 29 20.81 -28.33 17.98
N ASP A 30 19.73 -29.05 18.31
CA ASP A 30 19.58 -29.66 19.64
C ASP A 30 20.88 -30.42 19.93
N GLU A 31 21.36 -31.12 18.92
CA GLU A 31 22.57 -31.92 19.03
C GLU A 31 23.85 -31.12 19.27
N ALA A 32 24.10 -30.11 18.43
CA ALA A 32 25.26 -29.25 18.54
C ALA A 32 25.25 -28.49 19.86
N GLU A 33 24.06 -28.16 20.36
CA GLU A 33 24.02 -27.30 21.54
C GLU A 33 23.15 -27.67 22.72
N GLY A 34 22.72 -28.93 22.81
CA GLY A 34 21.84 -29.36 23.88
C GLY A 34 20.73 -28.36 24.18
N LEU A 35 19.63 -28.38 23.43
CA LEU A 35 18.58 -27.44 23.77
C LEU A 35 17.51 -28.07 24.65
N GLY A 36 17.65 -29.36 24.89
CA GLY A 36 16.69 -30.07 25.71
C GLY A 36 15.40 -30.13 24.92
N LEU A 37 15.50 -29.97 23.59
CA LEU A 37 14.35 -30.03 22.71
C LEU A 37 13.55 -31.31 22.92
N ALA A 38 12.24 -31.12 22.90
CA ALA A 38 11.26 -32.21 23.02
C ALA A 38 10.03 -31.74 22.24
N TYR A 39 9.38 -32.63 21.49
CA TYR A 39 8.15 -32.24 20.77
C TYR A 39 7.18 -33.37 20.50
N GLU A 40 5.89 -33.06 20.51
CA GLU A 40 4.84 -34.01 20.09
C GLU A 40 4.11 -33.42 18.88
N VAL A 41 3.51 -34.32 18.10
CA VAL A 41 2.83 -33.97 16.88
C VAL A 41 1.36 -34.15 17.15
N PHE A 42 0.55 -33.22 16.66
CA PHE A 42 -0.90 -33.29 16.94
C PHE A 42 -1.77 -33.14 15.66
N PRO A 43 -2.96 -33.72 15.66
CA PRO A 43 -3.75 -33.52 14.43
C PRO A 43 -4.33 -32.10 14.38
N PHE A 44 -4.47 -31.55 13.20
CA PHE A 44 -5.00 -30.20 13.10
C PHE A 44 -5.32 -29.95 11.64
N GLY A 45 -6.28 -29.04 11.37
CA GLY A 45 -6.72 -28.72 10.02
C GLY A 45 -7.54 -29.86 9.42
N GLY A 46 -7.33 -30.11 8.12
CA GLY A 46 -8.05 -31.17 7.43
C GLY A 46 -7.79 -32.54 8.03
N ALA A 47 -6.52 -32.88 8.21
CA ALA A 47 -6.17 -34.14 8.84
C ALA A 47 -6.90 -34.37 10.19
N ALA A 48 -7.15 -33.33 10.97
CA ALA A 48 -7.94 -33.49 12.19
C ALA A 48 -9.43 -33.73 11.87
N ILE A 49 -9.98 -32.96 10.93
CA ILE A 49 -11.39 -33.11 10.53
C ILE A 49 -11.67 -34.55 10.10
N ASP A 50 -10.72 -35.12 9.34
CA ASP A 50 -10.85 -36.52 8.87
C ASP A 50 -10.94 -37.54 9.97
N ALA A 51 -10.20 -37.35 11.05
CA ALA A 51 -10.15 -38.34 12.12
C ALA A 51 -11.03 -37.99 13.33
N PHE A 52 -11.43 -36.71 13.43
CA PHE A 52 -12.14 -36.22 14.60
C PHE A 52 -13.42 -35.41 14.33
N GLY A 53 -13.62 -34.97 13.08
CA GLY A 53 -14.81 -34.18 12.73
C GLY A 53 -14.74 -32.68 13.01
N GLU A 54 -13.58 -32.21 13.48
CA GLU A 54 -13.31 -30.80 13.82
C GLU A 54 -11.78 -30.47 13.62
N PRO A 55 -11.47 -29.26 13.12
CA PRO A 55 -10.09 -28.83 12.79
C PRO A 55 -9.14 -28.62 13.96
N PHE A 56 -9.68 -28.41 15.16
CA PHE A 56 -8.86 -28.10 16.33
C PHE A 56 -9.48 -28.82 17.49
N PRO A 57 -9.11 -30.11 17.61
CA PRO A 57 -9.67 -31.01 18.63
C PRO A 57 -9.01 -30.88 19.99
N GLU A 58 -9.75 -31.24 21.04
CA GLU A 58 -9.21 -31.18 22.38
C GLU A 58 -7.72 -31.63 22.58
N PRO A 59 -7.30 -32.81 22.04
CA PRO A 59 -5.93 -33.13 22.46
C PRO A 59 -4.92 -32.19 21.88
N THR A 60 -5.21 -31.70 20.67
CA THR A 60 -4.37 -30.73 20.02
C THR A 60 -4.45 -29.44 20.83
N ARG A 61 -5.64 -29.09 21.26
CA ARG A 61 -5.90 -27.89 22.05
C ARG A 61 -5.07 -27.92 23.34
N LYS A 62 -5.09 -29.07 23.98
CA LYS A 62 -4.33 -29.36 25.21
C LYS A 62 -2.82 -29.39 24.94
N GLY A 63 -2.43 -30.00 23.84
CA GLY A 63 -1.01 -30.08 23.54
C GLY A 63 -0.41 -28.69 23.37
N VAL A 64 -1.15 -27.84 22.66
CA VAL A 64 -0.76 -26.47 22.37
C VAL A 64 -0.63 -25.70 23.65
N GLU A 65 -1.58 -25.93 24.55
CA GLU A 65 -1.62 -25.27 25.85
C GLU A 65 -0.37 -25.58 26.74
N GLU A 66 0.20 -26.76 26.55
CA GLU A 66 1.34 -27.24 27.36
C GLU A 66 2.70 -26.83 26.80
N ALA A 67 2.80 -26.77 25.48
CA ALA A 67 4.07 -26.47 24.83
C ALA A 67 4.46 -24.99 25.03
N GLU A 68 5.73 -24.65 24.86
CA GLU A 68 6.19 -23.25 24.96
C GLU A 68 6.12 -22.62 23.57
N ALA A 69 6.07 -23.42 22.51
CA ALA A 69 5.90 -22.88 21.13
C ALA A 69 5.16 -23.89 20.28
N VAL A 70 4.51 -23.38 19.25
CA VAL A 70 3.84 -24.24 18.30
C VAL A 70 4.43 -24.05 16.92
N LEU A 71 4.86 -25.17 16.34
CA LEU A 71 5.35 -25.16 14.95
C LEU A 71 4.19 -25.65 14.07
N LEU A 72 3.76 -24.86 13.13
CA LEU A 72 2.60 -25.24 12.36
C LEU A 72 2.87 -25.26 10.87
N GLY A 73 2.24 -26.21 10.20
CA GLY A 73 2.39 -26.34 8.76
C GLY A 73 1.33 -25.51 8.07
N SER A 74 0.98 -25.85 6.85
CA SER A 74 -0.09 -25.13 6.22
C SER A 74 -1.40 -25.90 6.47
N VAL A 75 -2.55 -25.24 6.42
CA VAL A 75 -3.77 -26.02 6.53
C VAL A 75 -4.68 -25.70 5.37
N GLY A 76 -5.54 -26.66 5.04
CA GLY A 76 -6.59 -26.42 4.03
C GLY A 76 -6.48 -27.08 2.70
N GLY A 77 -7.53 -26.98 1.91
CA GLY A 77 -7.46 -27.60 0.62
C GLY A 77 -8.83 -28.00 0.13
N PRO A 78 -8.93 -28.27 -1.19
CA PRO A 78 -10.16 -28.60 -1.90
C PRO A 78 -11.07 -29.50 -1.10
N LYS A 79 -10.55 -30.61 -0.60
CA LYS A 79 -11.36 -31.55 0.18
C LYS A 79 -12.23 -30.90 1.28
N TRP A 80 -11.77 -29.78 1.81
CA TRP A 80 -12.40 -29.14 2.97
C TRP A 80 -12.96 -27.71 2.74
N ASP A 81 -12.66 -27.11 1.61
CA ASP A 81 -13.03 -25.70 1.34
C ASP A 81 -14.49 -25.20 1.43
N GLY A 82 -15.47 -26.10 1.52
CA GLY A 82 -16.88 -25.67 1.62
C GLY A 82 -17.62 -25.96 2.93
N LEU A 83 -16.95 -26.55 3.91
CA LEU A 83 -17.63 -26.91 5.15
C LEU A 83 -18.30 -25.76 5.93
N PRO A 84 -19.21 -26.12 6.87
CA PRO A 84 -19.74 -25.10 7.77
C PRO A 84 -18.55 -24.41 8.46
N ARG A 85 -18.75 -23.17 8.92
CA ARG A 85 -17.67 -22.41 9.53
C ARG A 85 -17.20 -23.03 10.83
N LYS A 86 -18.11 -23.66 11.58
CA LYS A 86 -17.79 -24.23 12.89
C LYS A 86 -16.71 -25.32 12.83
N ILE A 87 -16.59 -26.02 11.69
CA ILE A 87 -15.61 -27.10 11.48
C ILE A 87 -14.64 -26.83 10.32
N ARG A 88 -14.62 -25.58 9.87
CA ARG A 88 -13.71 -25.13 8.80
C ARG A 88 -12.20 -25.08 9.30
N PRO A 89 -11.20 -25.28 8.38
CA PRO A 89 -9.78 -25.17 8.75
C PRO A 89 -9.53 -23.75 9.23
N GLU A 90 -10.09 -22.78 8.49
CA GLU A 90 -9.93 -21.37 8.86
C GLU A 90 -10.37 -21.07 10.24
N THR A 91 -11.46 -21.71 10.63
CA THR A 91 -12.04 -21.56 11.92
C THR A 91 -11.13 -22.23 12.94
N GLY A 92 -10.43 -23.28 12.55
CA GLY A 92 -9.53 -23.98 13.46
C GLY A 92 -8.38 -23.04 13.80
N LEU A 93 -7.80 -22.51 12.74
CA LEU A 93 -6.72 -21.59 12.77
C LEU A 93 -7.10 -20.39 13.68
N LEU A 94 -8.34 -19.93 13.51
CA LEU A 94 -8.92 -18.82 14.27
C LEU A 94 -9.21 -19.33 15.67
N SER A 95 -9.47 -20.61 15.84
CA SER A 95 -9.66 -21.09 17.18
C SER A 95 -8.34 -21.25 17.89
N LEU A 96 -7.28 -21.51 17.14
CA LEU A 96 -5.96 -21.65 17.72
C LEU A 96 -5.53 -20.30 18.31
N ARG A 97 -5.55 -19.24 17.51
CA ARG A 97 -5.13 -17.92 17.95
C ARG A 97 -5.98 -17.39 19.10
N LYS A 98 -7.28 -17.56 19.01
CA LYS A 98 -8.15 -17.09 20.09
C LYS A 98 -7.86 -17.82 21.41
N SER A 99 -7.59 -19.13 21.37
CA SER A 99 -7.35 -19.90 22.59
C SER A 99 -6.03 -19.56 23.29
N GLN A 100 -5.13 -18.90 22.57
CA GLN A 100 -3.85 -18.51 23.10
C GLN A 100 -3.80 -17.00 23.14
N ASP A 101 -4.96 -16.39 22.94
CA ASP A 101 -5.09 -14.93 22.79
C ASP A 101 -3.95 -14.24 21.99
N LEU A 102 -3.60 -14.77 20.83
CA LEU A 102 -2.54 -14.17 19.98
C LEU A 102 -3.06 -12.90 19.31
N PHE A 103 -2.43 -11.77 19.58
CA PHE A 103 -2.85 -10.47 19.03
C PHE A 103 -1.85 -9.86 18.07
N ALA A 104 -0.64 -10.38 18.04
CA ALA A 104 0.34 -9.82 17.14
C ALA A 104 0.78 -10.82 16.08
N ASN A 105 0.78 -10.36 14.83
CA ASN A 105 1.12 -11.17 13.68
C ASN A 105 2.38 -10.60 13.18
N LEU A 106 3.45 -11.40 13.20
CA LEU A 106 4.74 -10.92 12.79
C LEU A 106 5.01 -11.46 11.41
N ARG A 107 5.36 -10.58 10.47
CA ARG A 107 5.63 -11.07 9.10
C ARG A 107 6.76 -10.30 8.50
N PRO A 108 8.00 -10.86 8.58
CA PRO A 108 9.23 -10.33 8.07
C PRO A 108 9.30 -10.52 6.56
N ALA A 109 9.99 -9.63 5.86
CA ALA A 109 10.11 -9.71 4.38
C ALA A 109 11.54 -9.32 4.20
N LYS A 110 12.36 -10.34 3.95
CA LYS A 110 13.78 -10.17 3.83
C LYS A 110 14.18 -10.56 2.42
N VAL A 111 15.05 -9.77 1.78
CA VAL A 111 15.55 -10.08 0.46
C VAL A 111 16.98 -10.56 0.71
N PHE A 112 17.18 -11.87 0.55
CA PHE A 112 18.50 -12.47 0.79
C PHE A 112 19.59 -12.01 -0.13
N PRO A 113 20.76 -11.73 0.43
CA PRO A 113 21.80 -11.25 -0.47
C PRO A 113 21.93 -12.25 -1.60
N GLY A 114 21.92 -11.75 -2.83
CA GLY A 114 22.10 -12.60 -4.00
C GLY A 114 20.78 -12.97 -4.66
N LEU A 115 19.67 -12.72 -3.97
CA LEU A 115 18.36 -13.02 -4.53
C LEU A 115 17.62 -11.78 -4.85
N GLU A 116 18.32 -10.66 -4.90
CA GLU A 116 17.70 -9.41 -5.26
C GLU A 116 17.04 -9.59 -6.64
N ARG A 117 17.63 -10.43 -7.49
CA ARG A 117 17.05 -10.68 -8.82
C ARG A 117 15.58 -11.13 -8.77
N LEU A 118 15.10 -11.60 -7.61
CA LEU A 118 13.70 -12.05 -7.50
C LEU A 118 12.77 -10.88 -7.24
N SER A 119 13.33 -9.79 -6.69
CA SER A 119 12.57 -8.63 -6.28
C SER A 119 11.91 -7.91 -7.41
N PRO A 120 10.67 -7.47 -7.21
CA PRO A 120 10.02 -6.64 -8.24
C PRO A 120 10.74 -5.29 -8.39
N LEU A 121 11.60 -4.96 -7.44
CA LEU A 121 12.28 -3.66 -7.41
C LEU A 121 13.65 -3.74 -8.03
N LYS A 122 14.22 -2.61 -8.40
CA LYS A 122 15.56 -2.59 -8.91
C LYS A 122 16.49 -3.10 -7.81
N GLU A 123 17.63 -3.66 -8.16
CA GLU A 123 18.54 -4.23 -7.15
C GLU A 123 18.95 -3.33 -5.99
N GLU A 124 19.33 -2.09 -6.36
CA GLU A 124 19.77 -1.03 -5.45
C GLU A 124 18.79 -0.84 -4.31
N ILE A 125 17.52 -0.86 -4.67
CA ILE A 125 16.46 -0.66 -3.76
C ILE A 125 16.15 -1.91 -2.95
N ALA A 126 16.22 -3.07 -3.58
CA ALA A 126 16.00 -4.33 -2.90
C ALA A 126 17.17 -4.73 -1.98
N ARG A 127 18.39 -4.41 -2.35
CA ARG A 127 19.48 -4.86 -1.47
C ARG A 127 19.26 -4.47 -0.01
N GLY A 128 19.31 -5.49 0.85
CA GLY A 128 19.29 -5.35 2.28
C GLY A 128 17.94 -5.26 2.92
N VAL A 129 16.87 -5.28 2.13
CA VAL A 129 15.54 -5.23 2.64
C VAL A 129 15.39 -6.35 3.66
N ASP A 130 14.98 -5.99 4.86
CA ASP A 130 14.84 -6.93 5.98
C ASP A 130 13.92 -6.20 6.95
N VAL A 131 12.61 -6.28 6.75
CA VAL A 131 11.68 -5.54 7.59
C VAL A 131 10.71 -6.48 8.21
N LEU A 132 10.37 -6.28 9.46
CA LEU A 132 9.43 -7.10 10.14
C LEU A 132 8.24 -6.17 10.36
N ILE A 133 7.05 -6.61 9.85
CA ILE A 133 5.74 -5.92 10.04
C ILE A 133 4.91 -6.57 11.19
N VAL A 134 4.61 -5.79 12.19
CA VAL A 134 3.90 -6.29 13.31
C VAL A 134 2.47 -5.75 13.17
N ARG A 135 1.53 -6.66 12.91
CA ARG A 135 0.16 -6.28 12.62
C ARG A 135 -0.81 -6.54 13.78
N GLU A 136 -1.49 -5.53 14.29
CA GLU A 136 -2.44 -5.82 15.36
C GLU A 136 -3.47 -6.77 14.71
N LEU A 137 -4.02 -7.72 15.45
CA LEU A 137 -4.86 -8.77 14.80
C LEU A 137 -6.26 -9.09 15.38
N THR A 138 -6.53 -8.60 16.59
CA THR A 138 -7.81 -8.83 17.26
C THR A 138 -8.70 -7.59 17.33
N GLY A 139 -8.19 -6.44 16.88
CA GLY A 139 -9.01 -5.25 16.90
C GLY A 139 -9.01 -4.49 15.58
N GLY A 140 -9.39 -3.22 15.68
CA GLY A 140 -9.40 -2.38 14.50
C GLY A 140 -10.77 -2.54 13.86
N ILE A 141 -10.83 -2.05 12.62
CA ILE A 141 -12.07 -2.04 11.89
C ILE A 141 -12.71 -3.45 11.71
N TYR A 142 -11.89 -4.44 11.35
CA TYR A 142 -12.41 -5.78 11.16
C TYR A 142 -13.35 -6.32 12.24
N PHE A 143 -13.18 -5.90 13.51
CA PHE A 143 -14.03 -6.39 14.61
C PHE A 143 -14.87 -5.31 15.30
N GLY A 144 -14.53 -4.05 15.00
CA GLY A 144 -15.19 -2.88 15.58
C GLY A 144 -16.70 -2.74 15.63
N GLU A 145 -17.18 -2.12 16.71
CA GLU A 145 -18.59 -1.76 16.85
C GLU A 145 -18.67 -0.24 16.73
N PRO A 146 -19.72 0.27 16.11
CA PRO A 146 -20.82 -0.50 15.54
C PRO A 146 -20.57 -0.90 14.10
N ARG A 147 -21.42 -1.78 13.57
CA ARG A 147 -21.32 -2.23 12.18
C ARG A 147 -22.68 -2.63 11.55
N GLY A 148 -22.78 -2.49 10.23
CA GLY A 148 -23.99 -2.88 9.50
C GLY A 148 -24.21 -2.24 8.14
N MET A 149 -25.25 -2.72 7.45
CA MET A 149 -25.74 -2.16 6.17
C MET A 149 -27.30 -2.15 6.05
N SER A 150 -27.83 -1.05 5.55
CA SER A 150 -29.24 -0.93 5.29
C SER A 150 -29.19 -1.02 3.75
N GLU A 151 -30.06 -0.30 3.04
CA GLU A 151 -30.07 -0.28 1.57
C GLU A 151 -29.59 1.14 1.18
N ALA A 152 -29.58 2.02 2.20
CA ALA A 152 -29.16 3.43 2.08
C ALA A 152 -27.72 3.72 2.57
N GLU A 153 -27.30 3.01 3.62
CA GLU A 153 -25.94 3.16 4.16
C GLU A 153 -25.36 1.92 4.88
N ALA A 154 -24.03 1.83 4.85
CA ALA A 154 -23.27 0.81 5.53
C ALA A 154 -22.26 1.47 6.45
N TRP A 155 -21.96 0.84 7.59
CA TRP A 155 -20.96 1.41 8.50
C TRP A 155 -19.98 0.41 9.13
N ASN A 156 -18.76 0.89 9.44
CA ASN A 156 -17.70 0.10 10.08
C ASN A 156 -16.81 0.98 10.92
N THR A 157 -16.32 0.46 12.04
CA THR A 157 -15.58 1.33 12.95
C THR A 157 -14.16 0.93 13.28
N GLU A 158 -13.23 1.84 13.03
CA GLU A 158 -11.84 1.62 13.33
C GLU A 158 -11.72 2.01 14.82
N ARG A 159 -11.81 1.01 15.69
CA ARG A 159 -11.74 1.26 17.12
C ARG A 159 -10.53 0.57 17.76
N TYR A 160 -9.83 1.33 18.63
CA TYR A 160 -8.74 0.79 19.44
C TYR A 160 -8.84 1.27 20.89
N SER A 161 -8.71 0.36 21.85
CA SER A 161 -8.67 0.81 23.25
C SER A 161 -7.21 0.85 23.63
N LYS A 162 -6.84 1.62 24.65
CA LYS A 162 -5.44 1.75 25.05
C LYS A 162 -4.69 0.43 25.32
N PRO A 163 -5.29 -0.53 26.08
CA PRO A 163 -4.51 -1.77 26.26
C PRO A 163 -4.23 -2.52 24.96
N GLU A 164 -5.13 -2.43 23.98
CA GLU A 164 -4.95 -3.10 22.69
C GLU A 164 -3.72 -2.57 21.98
N VAL A 165 -3.59 -1.24 21.93
CA VAL A 165 -2.47 -0.59 21.27
C VAL A 165 -1.23 -0.76 22.10
N GLU A 166 -1.37 -0.82 23.41
CA GLU A 166 -0.17 -1.01 24.24
C GLU A 166 0.53 -2.36 23.96
N ARG A 167 -0.21 -3.45 24.12
CA ARG A 167 0.35 -4.79 23.99
C ARG A 167 0.98 -5.07 22.63
N VAL A 168 0.45 -4.52 21.58
CA VAL A 168 1.02 -4.75 20.25
C VAL A 168 2.35 -3.91 20.09
N ALA A 169 2.40 -2.72 20.69
CA ALA A 169 3.60 -1.90 20.78
C ALA A 169 4.69 -2.67 21.53
N ARG A 170 4.42 -3.12 22.75
CA ARG A 170 5.41 -3.90 23.46
C ARG A 170 6.06 -4.99 22.62
N VAL A 171 5.26 -5.73 21.88
CA VAL A 171 5.78 -6.79 21.03
C VAL A 171 6.73 -6.17 20.03
N ALA A 172 6.33 -5.07 19.42
CA ALA A 172 7.20 -4.49 18.39
C ALA A 172 8.49 -4.06 19.02
N PHE A 173 8.41 -3.57 20.26
CA PHE A 173 9.62 -3.03 20.88
C PHE A 173 10.65 -4.13 21.19
N GLU A 174 10.17 -5.18 21.88
CA GLU A 174 10.94 -6.35 22.26
C GLU A 174 11.47 -6.93 20.93
N ALA A 175 10.64 -6.97 19.91
CA ALA A 175 11.12 -7.52 18.66
C ALA A 175 12.30 -6.63 18.12
N ALA A 176 12.19 -5.31 18.25
CA ALA A 176 13.29 -4.46 17.79
C ALA A 176 14.58 -4.65 18.59
N ARG A 177 14.47 -5.03 19.86
CA ARG A 177 15.65 -5.22 20.66
C ARG A 177 16.58 -6.32 20.14
N LYS A 178 16.01 -7.27 19.39
CA LYS A 178 16.75 -8.43 18.88
C LYS A 178 17.20 -8.21 17.45
N ARG A 179 16.79 -7.07 16.91
CA ARG A 179 17.07 -6.77 15.56
C ARG A 179 17.99 -5.58 15.47
N ARG A 180 17.46 -4.47 14.97
CA ARG A 180 18.32 -3.29 14.79
C ARG A 180 17.87 -2.09 15.57
N LYS A 181 17.03 -2.35 16.57
CA LYS A 181 16.58 -1.33 17.51
C LYS A 181 15.91 -0.11 16.88
N HIS A 182 15.08 -0.32 15.85
CA HIS A 182 14.33 0.77 15.26
C HIS A 182 12.90 0.32 14.93
N VAL A 183 11.90 1.07 15.43
CA VAL A 183 10.47 0.84 15.22
C VAL A 183 9.81 2.03 14.54
N VAL A 184 8.94 1.78 13.59
CA VAL A 184 8.18 2.83 12.88
C VAL A 184 6.77 2.41 13.19
N SER A 185 6.02 3.33 13.78
CA SER A 185 4.69 3.11 14.22
C SER A 185 3.86 3.82 13.18
N VAL A 186 2.85 3.12 12.64
CA VAL A 186 2.13 3.61 11.46
C VAL A 186 0.68 3.89 11.80
N ASP A 187 0.26 5.10 11.49
CA ASP A 187 -1.09 5.47 11.86
C ASP A 187 -1.55 6.42 10.80
N LYS A 188 -2.61 7.15 11.13
CA LYS A 188 -3.13 8.15 10.23
C LYS A 188 -3.52 9.32 11.14
N ALA A 189 -2.54 9.67 11.97
CA ALA A 189 -2.68 10.73 12.98
C ALA A 189 -3.05 12.11 12.51
N ASN A 190 -2.80 12.42 11.25
CA ASN A 190 -3.13 13.76 10.74
C ASN A 190 -4.56 13.92 10.26
N VAL A 191 -5.32 12.86 10.11
CA VAL A 191 -6.72 13.07 9.74
C VAL A 191 -7.62 12.42 10.78
N LEU A 192 -7.15 11.33 11.39
CA LEU A 192 -7.98 10.53 12.31
C LEU A 192 -7.76 10.58 13.81
N GLU A 193 -8.86 10.47 14.54
CA GLU A 193 -8.81 10.35 16.00
C GLU A 193 -8.04 9.10 16.43
N VAL A 194 -8.29 7.99 15.74
CA VAL A 194 -7.65 6.72 16.04
C VAL A 194 -6.14 6.82 15.87
N GLY A 195 -5.74 7.58 14.86
CA GLY A 195 -4.34 7.86 14.56
C GLY A 195 -3.69 8.58 15.72
N GLU A 196 -4.29 9.69 16.18
CA GLU A 196 -3.69 10.42 17.29
C GLU A 196 -3.63 9.48 18.49
N PHE A 197 -4.74 8.77 18.76
CA PHE A 197 -4.75 7.90 19.90
C PHE A 197 -3.60 6.93 19.81
N TRP A 198 -3.45 6.34 18.63
CA TRP A 198 -2.44 5.32 18.40
C TRP A 198 -1.03 5.86 18.66
N ARG A 199 -0.73 7.05 18.13
CA ARG A 199 0.54 7.75 18.30
C ARG A 199 0.78 8.09 19.75
N LYS A 200 -0.14 8.80 20.40
CA LYS A 200 0.02 9.06 21.82
C LYS A 200 0.32 7.72 22.53
N THR A 201 -0.51 6.70 22.31
CA THR A 201 -0.28 5.49 23.06
C THR A 201 1.08 4.88 22.80
N VAL A 202 1.40 4.67 21.53
CA VAL A 202 2.69 4.08 21.18
C VAL A 202 3.83 4.90 21.75
N GLU A 203 3.75 6.22 21.60
CA GLU A 203 4.83 7.11 22.08
C GLU A 203 5.02 6.93 23.57
N GLU A 204 3.91 6.90 24.29
CA GLU A 204 3.90 6.66 25.69
C GLU A 204 4.62 5.34 26.00
N VAL A 205 4.35 4.29 25.23
CA VAL A 205 4.98 2.99 25.49
C VAL A 205 6.49 3.00 25.26
N GLY A 206 6.90 3.71 24.18
CA GLY A 206 8.29 3.99 23.80
C GLY A 206 9.11 4.55 24.96
N ARG A 207 8.47 5.20 25.92
CA ARG A 207 9.19 5.73 27.06
C ARG A 207 9.81 4.62 27.91
N GLY A 208 9.38 3.40 27.69
CA GLY A 208 9.93 2.26 28.43
C GLY A 208 11.01 1.55 27.61
N TYR A 209 11.11 1.86 26.31
CA TYR A 209 12.15 1.29 25.45
C TYR A 209 13.01 2.48 24.93
N PRO A 210 13.65 3.22 25.85
CA PRO A 210 14.40 4.37 25.35
C PRO A 210 15.59 3.99 24.46
N ASP A 211 15.98 2.71 24.46
CA ASP A 211 17.09 2.21 23.63
C ASP A 211 16.64 1.94 22.20
N VAL A 212 15.33 2.00 21.95
CA VAL A 212 14.84 1.75 20.62
C VAL A 212 14.49 3.03 19.85
N ALA A 213 15.22 3.33 18.78
CA ALA A 213 14.85 4.50 17.92
C ALA A 213 13.41 4.33 17.52
N LEU A 214 12.60 5.37 17.69
CA LEU A 214 11.19 5.32 17.26
C LEU A 214 10.87 6.38 16.19
N GLU A 215 9.87 6.07 15.39
CA GLU A 215 9.50 6.97 14.30
C GLU A 215 8.02 6.72 13.93
N HIS A 216 7.31 7.78 13.61
CA HIS A 216 5.95 7.67 13.15
C HIS A 216 5.80 7.92 11.64
N GLN A 217 4.91 7.16 11.02
CA GLN A 217 4.62 7.39 9.63
C GLN A 217 3.14 7.36 9.28
N TYR A 218 2.66 8.24 8.44
CA TYR A 218 1.24 8.03 8.04
C TYR A 218 1.14 6.77 7.12
N VAL A 219 0.05 6.04 7.19
CA VAL A 219 -0.06 4.84 6.40
C VAL A 219 0.15 5.08 4.87
N ASP A 220 -0.40 6.18 4.32
CA ASP A 220 -0.17 6.44 2.92
C ASP A 220 1.30 6.80 2.57
N ALA A 221 2.01 7.44 3.48
CA ALA A 221 3.40 7.78 3.22
C ALA A 221 4.24 6.50 3.37
N MET A 222 3.86 5.65 4.33
CA MET A 222 4.50 4.34 4.50
C MET A 222 4.39 3.46 3.23
N ALA A 223 3.20 3.35 2.63
CA ALA A 223 3.12 2.66 1.36
C ALA A 223 4.08 3.28 0.34
N MET A 224 4.30 4.58 0.27
CA MET A 224 5.35 5.09 -0.69
C MET A 224 6.77 4.71 -0.19
N HIS A 225 6.99 4.67 1.14
CA HIS A 225 8.33 4.37 1.60
C HIS A 225 8.74 2.88 1.31
N LEU A 226 7.79 1.95 1.47
CA LEU A 226 8.09 0.55 1.28
C LEU A 226 8.50 0.17 -0.16
N VAL A 227 8.17 1.01 -1.14
CA VAL A 227 8.57 0.82 -2.52
C VAL A 227 9.88 1.55 -2.80
N ARG A 228 10.02 2.77 -2.27
CA ARG A 228 11.19 3.58 -2.57
C ARG A 228 12.41 3.32 -1.71
N SER A 229 12.21 2.91 -0.46
CA SER A 229 13.37 2.69 0.40
C SER A 229 13.01 1.68 1.51
N PRO A 230 12.51 0.50 1.10
CA PRO A 230 12.14 -0.38 2.22
C PRO A 230 13.36 -0.75 3.02
N ALA A 231 14.57 -0.59 2.47
CA ALA A 231 15.76 -1.01 3.19
C ALA A 231 16.05 -0.25 4.47
N ARG A 232 15.37 0.88 4.68
CA ARG A 232 15.75 1.67 5.84
C ARG A 232 14.89 1.36 7.08
N PHE A 233 14.04 0.34 7.00
CA PHE A 233 13.18 0.04 8.11
C PHE A 233 13.59 -1.26 8.70
N ASP A 234 13.38 -1.33 10.01
CA ASP A 234 13.69 -2.51 10.75
C ASP A 234 12.39 -3.22 11.15
N VAL A 235 11.75 -2.79 12.25
CA VAL A 235 10.45 -3.29 12.71
C VAL A 235 9.39 -2.24 12.35
N VAL A 236 8.16 -2.64 12.09
CA VAL A 236 7.14 -1.65 11.74
C VAL A 236 5.90 -2.07 12.48
N VAL A 237 5.22 -1.16 13.16
CA VAL A 237 4.04 -1.60 13.93
C VAL A 237 2.80 -0.78 13.59
N THR A 238 1.68 -1.45 13.42
CA THR A 238 0.46 -0.75 13.07
C THR A 238 -0.81 -1.56 13.36
N GLY A 239 -1.97 -0.98 13.10
CA GLY A 239 -3.24 -1.65 13.40
C GLY A 239 -3.61 -2.69 12.37
N ASN A 240 -4.74 -3.37 12.61
CA ASN A 240 -5.23 -4.48 11.81
C ASN A 240 -5.33 -4.22 10.31
N ILE A 241 -6.10 -3.22 9.90
CA ILE A 241 -6.25 -3.01 8.44
C ILE A 241 -4.95 -2.52 7.77
N PHE A 242 -4.34 -1.48 8.34
CA PHE A 242 -3.09 -0.97 7.80
C PHE A 242 -2.02 -2.06 7.79
N GLY A 243 -1.98 -2.85 8.86
CA GLY A 243 -1.00 -3.93 8.92
C GLY A 243 -1.21 -4.88 7.75
N ASP A 244 -2.47 -5.31 7.54
CA ASP A 244 -2.86 -6.17 6.48
C ASP A 244 -2.37 -5.60 5.15
N ILE A 245 -2.64 -4.32 4.92
CA ILE A 245 -2.23 -3.67 3.69
C ILE A 245 -0.71 -3.60 3.66
N LEU A 246 -0.08 -3.14 4.75
CA LEU A 246 1.41 -2.98 4.72
C LEU A 246 2.25 -4.27 4.67
N SER A 247 1.80 -5.30 5.41
CA SER A 247 2.45 -6.61 5.32
C SER A 247 2.21 -7.26 3.97
N ASP A 248 1.00 -7.17 3.41
CA ASP A 248 0.78 -7.77 2.09
C ASP A 248 1.67 -7.02 1.12
N LEU A 249 1.74 -5.68 1.24
CA LEU A 249 2.66 -4.92 0.41
C LEU A 249 4.12 -5.35 0.64
N ALA A 250 4.54 -5.47 1.91
CA ALA A 250 5.93 -5.91 2.23
C ALA A 250 6.18 -7.26 1.64
N SER A 251 5.17 -8.14 1.80
CA SER A 251 5.19 -9.56 1.38
C SER A 251 5.68 -9.76 -0.06
N VAL A 252 5.33 -8.87 -0.98
CA VAL A 252 5.77 -9.04 -2.39
C VAL A 252 7.15 -8.53 -2.73
N LEU A 253 7.76 -7.78 -1.83
CA LEU A 253 9.12 -7.22 -2.06
C LEU A 253 10.17 -8.26 -2.34
N PRO A 254 10.12 -9.40 -1.64
CA PRO A 254 11.24 -10.24 -1.99
C PRO A 254 10.99 -11.04 -3.24
N GLY A 255 9.75 -11.16 -3.70
CA GLY A 255 9.53 -11.83 -4.99
C GLY A 255 9.20 -13.32 -4.97
N SER A 256 9.30 -13.97 -3.79
CA SER A 256 8.97 -15.37 -3.63
C SER A 256 8.24 -15.55 -2.32
N LEU A 257 6.91 -15.53 -2.45
CA LEU A 257 5.95 -15.65 -1.38
C LEU A 257 6.09 -16.97 -0.66
N GLY A 258 6.53 -18.01 -1.36
CA GLY A 258 6.71 -19.28 -0.73
C GLY A 258 7.86 -19.37 0.28
N LEU A 259 8.73 -18.38 0.31
CA LEU A 259 9.77 -18.43 1.28
C LEU A 259 9.47 -17.81 2.60
N LEU A 260 8.36 -17.10 2.78
CA LEU A 260 8.14 -16.25 3.96
C LEU A 260 7.63 -16.90 5.22
N PRO A 261 8.28 -16.64 6.34
CA PRO A 261 7.75 -17.28 7.52
C PRO A 261 6.79 -16.32 8.14
N SER A 262 6.20 -16.71 9.28
CA SER A 262 5.17 -15.98 9.99
C SER A 262 5.11 -16.41 11.49
N ALA A 263 4.70 -15.50 12.40
CA ALA A 263 4.57 -15.89 13.80
C ALA A 263 3.41 -15.15 14.32
N SER A 264 2.68 -15.74 15.28
CA SER A 264 1.61 -15.06 16.00
C SER A 264 1.92 -15.10 17.48
N LEU A 265 2.03 -13.91 18.07
CA LEU A 265 2.36 -13.70 19.50
C LEU A 265 1.28 -13.10 20.43
N GLY A 266 1.29 -13.51 21.68
CA GLY A 266 0.30 -13.00 22.63
C GLY A 266 0.48 -13.51 24.04
N ARG A 267 -0.63 -13.86 24.66
CA ARG A 267 -0.67 -14.32 26.06
C ARG A 267 -0.15 -15.76 26.29
N GLY A 268 -0.53 -16.69 25.41
CA GLY A 268 -0.21 -18.09 25.57
C GLY A 268 0.85 -18.51 24.57
N THR A 269 0.72 -19.72 24.04
CA THR A 269 1.74 -20.28 23.18
C THR A 269 1.85 -19.59 21.83
N PRO A 270 2.96 -18.90 21.58
CA PRO A 270 3.10 -18.24 20.27
C PRO A 270 3.13 -19.35 19.25
N VAL A 271 2.71 -19.07 18.03
CA VAL A 271 2.62 -20.05 16.96
C VAL A 271 3.38 -19.50 15.80
N PHE A 272 4.11 -20.38 15.12
CA PHE A 272 5.02 -20.06 14.01
C PHE A 272 4.62 -20.92 12.82
N GLU A 273 4.59 -20.31 11.65
CA GLU A 273 4.14 -21.02 10.48
C GLU A 273 4.55 -20.42 9.15
N PRO A 274 4.57 -21.26 8.12
CA PRO A 274 4.82 -20.64 6.80
C PRO A 274 3.60 -19.82 6.36
N VAL A 275 3.86 -18.83 5.55
CA VAL A 275 2.80 -18.03 5.04
C VAL A 275 2.11 -18.78 3.93
N HIS A 276 2.83 -19.51 3.08
CA HIS A 276 2.25 -20.31 1.92
C HIS A 276 1.02 -21.28 2.19
N GLY A 277 0.30 -21.63 1.12
CA GLY A 277 -0.83 -22.55 1.24
C GLY A 277 -0.33 -23.99 1.34
N SER A 278 -1.22 -24.98 1.36
CA SER A 278 -0.83 -26.37 1.51
C SER A 278 -0.45 -27.06 0.19
N ALA A 279 -0.62 -26.35 -0.93
CA ALA A 279 -0.26 -26.87 -2.22
C ALA A 279 -0.53 -28.38 -2.39
N PRO A 280 -1.83 -28.76 -2.32
CA PRO A 280 -2.06 -30.20 -2.41
C PRO A 280 -1.54 -30.76 -3.73
N ASP A 281 -1.20 -29.85 -4.64
CA ASP A 281 -0.68 -30.18 -5.97
C ASP A 281 0.59 -31.10 -6.00
N ILE A 282 1.64 -30.63 -5.32
CA ILE A 282 2.96 -31.28 -5.22
C ILE A 282 3.19 -31.99 -3.89
N ALA A 283 2.11 -32.31 -3.18
CA ALA A 283 2.16 -33.02 -1.90
C ALA A 283 2.72 -34.47 -2.00
N GLY A 284 3.87 -34.69 -1.36
CA GLY A 284 4.53 -36.00 -1.30
C GLY A 284 5.24 -36.36 -2.59
N LYS A 285 5.82 -35.34 -3.21
CA LYS A 285 6.55 -35.50 -4.45
C LYS A 285 8.04 -35.26 -4.24
N GLY A 286 8.35 -34.81 -3.03
CA GLY A 286 9.69 -34.55 -2.59
C GLY A 286 10.24 -33.25 -3.14
N ILE A 287 9.34 -32.32 -3.48
CA ILE A 287 9.78 -31.03 -4.08
C ILE A 287 9.42 -29.76 -3.31
N ALA A 288 8.41 -29.81 -2.47
CA ALA A 288 8.04 -28.65 -1.69
C ALA A 288 9.28 -27.98 -1.09
N ASN A 289 9.41 -26.68 -1.31
CA ASN A 289 10.44 -25.87 -0.70
C ASN A 289 10.25 -25.70 0.84
N PRO A 290 11.19 -26.23 1.67
CA PRO A 290 11.00 -26.16 3.11
C PRO A 290 11.51 -24.87 3.68
N THR A 291 11.94 -23.95 2.82
CA THR A 291 12.38 -22.68 3.33
C THR A 291 11.46 -22.03 4.35
N ALA A 292 10.19 -21.79 4.01
CA ALA A 292 9.30 -21.03 4.92
C ALA A 292 9.19 -21.70 6.30
N ALA A 293 9.14 -23.01 6.27
CA ALA A 293 9.07 -23.81 7.48
C ALA A 293 10.40 -23.70 8.29
N ILE A 294 11.54 -23.75 7.61
CA ILE A 294 12.83 -23.60 8.30
C ILE A 294 12.91 -22.18 8.91
N LEU A 295 12.50 -21.15 8.13
CA LEU A 295 12.55 -19.78 8.64
C LEU A 295 11.56 -19.58 9.77
N SER A 296 10.48 -20.34 9.81
CA SER A 296 9.56 -20.25 10.93
C SER A 296 10.19 -20.83 12.20
N ALA A 297 10.86 -22.02 12.08
CA ALA A 297 11.64 -22.62 13.15
C ALA A 297 12.61 -21.53 13.60
N ALA A 298 13.28 -20.84 12.67
CA ALA A 298 14.17 -19.76 13.15
C ALA A 298 13.40 -18.69 13.92
N MET A 299 12.21 -18.30 13.46
CA MET A 299 11.50 -17.26 14.19
C MET A 299 11.14 -17.77 15.58
N MET A 300 10.84 -19.06 15.68
CA MET A 300 10.53 -19.74 16.94
C MET A 300 11.76 -19.68 17.89
N LEU A 301 12.95 -19.92 17.35
CA LEU A 301 14.16 -19.78 18.18
C LEU A 301 14.29 -18.37 18.71
N GLU A 302 13.97 -17.35 17.89
CA GLU A 302 14.03 -15.92 18.30
C GLU A 302 12.89 -15.33 19.15
N HIS A 303 11.61 -15.57 18.87
CA HIS A 303 10.56 -14.90 19.67
C HIS A 303 10.00 -15.75 20.77
N ALA A 304 10.20 -17.04 20.64
CA ALA A 304 9.73 -17.93 21.67
C ALA A 304 10.83 -18.15 22.68
N PHE A 305 12.06 -18.39 22.22
CA PHE A 305 13.11 -18.82 23.15
C PHE A 305 14.25 -17.86 23.38
N GLY A 306 14.20 -16.72 22.71
CA GLY A 306 15.22 -15.68 22.91
C GLY A 306 16.57 -16.06 22.32
N LEU A 307 16.62 -17.18 21.59
CA LEU A 307 17.82 -17.67 20.95
C LEU A 307 18.07 -16.94 19.64
N VAL A 308 18.33 -15.64 19.74
CA VAL A 308 18.53 -14.79 18.59
C VAL A 308 19.69 -15.29 17.75
N GLU A 309 20.85 -15.37 18.36
CA GLU A 309 22.08 -15.86 17.76
C GLU A 309 21.88 -17.15 16.94
N LEU A 310 21.09 -18.06 17.51
CA LEU A 310 20.85 -19.35 16.91
C LEU A 310 19.98 -19.18 15.71
N ALA A 311 18.94 -18.37 15.88
CA ALA A 311 18.02 -18.03 14.80
C ALA A 311 18.77 -17.39 13.63
N ARG A 312 19.73 -16.53 13.92
CA ARG A 312 20.54 -15.93 12.85
C ARG A 312 21.39 -16.95 12.07
N LYS A 313 21.85 -18.03 12.72
CA LYS A 313 22.63 -19.08 12.07
C LYS A 313 21.75 -19.88 11.15
N VAL A 314 20.51 -20.20 11.59
CA VAL A 314 19.52 -20.85 10.68
C VAL A 314 19.33 -19.95 9.44
N GLU A 315 18.96 -18.70 9.61
CA GLU A 315 18.81 -17.76 8.49
C GLU A 315 20.00 -17.67 7.59
N ASP A 316 21.19 -17.56 8.16
CA ASP A 316 22.32 -17.47 7.29
C ASP A 316 22.48 -18.80 6.51
N ALA A 317 22.29 -19.94 7.15
CA ALA A 317 22.46 -21.23 6.46
C ALA A 317 21.46 -21.29 5.30
N VAL A 318 20.23 -20.88 5.61
CA VAL A 318 19.16 -20.88 4.63
C VAL A 318 19.54 -19.96 3.49
N ALA A 319 20.07 -18.80 3.83
CA ALA A 319 20.48 -17.85 2.84
C ALA A 319 21.47 -18.47 1.86
N LYS A 320 22.55 -19.08 2.34
CA LYS A 320 23.50 -19.70 1.42
C LYS A 320 22.86 -20.84 0.59
N ALA A 321 21.90 -21.56 1.20
CA ALA A 321 21.21 -22.64 0.53
C ALA A 321 20.44 -22.09 -0.67
N LEU A 322 19.85 -20.91 -0.51
CA LEU A 322 19.09 -20.33 -1.59
C LEU A 322 19.91 -19.92 -2.81
N LEU A 323 21.14 -19.40 -2.63
CA LEU A 323 21.99 -19.08 -3.77
C LEU A 323 22.61 -20.32 -4.30
N GLU A 324 23.16 -21.14 -3.41
CA GLU A 324 23.97 -22.31 -3.80
C GLU A 324 23.20 -23.54 -4.34
N THR A 325 22.07 -23.93 -3.74
CA THR A 325 21.22 -25.03 -4.28
C THR A 325 19.69 -24.67 -4.25
N PRO A 326 19.25 -23.75 -5.18
CA PRO A 326 17.84 -23.27 -5.20
C PRO A 326 16.80 -24.36 -5.46
N PRO A 327 15.62 -24.29 -4.79
CA PRO A 327 14.52 -25.22 -5.10
C PRO A 327 13.86 -24.94 -6.48
N PRO A 328 12.95 -25.83 -6.93
CA PRO A 328 12.42 -25.57 -8.27
C PRO A 328 11.63 -24.26 -8.39
N ASP A 329 10.97 -23.81 -7.32
CA ASP A 329 10.27 -22.52 -7.42
C ASP A 329 11.26 -21.36 -7.60
N LEU A 330 12.54 -21.59 -7.26
CA LEU A 330 13.57 -20.55 -7.52
C LEU A 330 14.36 -20.79 -8.81
N GLY A 331 13.91 -21.74 -9.63
CA GLY A 331 14.56 -22.11 -10.88
C GLY A 331 15.53 -23.26 -10.67
N GLY A 332 15.59 -23.80 -9.46
CA GLY A 332 16.54 -24.86 -9.23
C GLY A 332 15.99 -26.24 -9.52
N SER A 333 16.64 -27.24 -8.94
CA SER A 333 16.19 -28.59 -9.10
C SER A 333 16.34 -29.35 -7.75
N ALA A 334 16.81 -28.63 -6.73
CA ALA A 334 17.04 -29.19 -5.39
C ALA A 334 15.75 -29.51 -4.62
N GLY A 335 15.27 -30.74 -4.74
CA GLY A 335 14.07 -31.15 -4.00
C GLY A 335 14.19 -30.95 -2.50
N THR A 336 13.10 -31.17 -1.77
CA THR A 336 13.03 -30.95 -0.33
C THR A 336 14.22 -31.46 0.46
N GLU A 337 14.48 -32.77 0.42
CA GLU A 337 15.60 -33.38 1.15
C GLU A 337 16.97 -32.77 0.83
N ALA A 338 17.23 -32.55 -0.45
CA ALA A 338 18.48 -31.99 -0.91
C ALA A 338 18.74 -30.53 -0.40
N PHE A 339 17.69 -29.77 -0.19
CA PHE A 339 17.83 -28.41 0.18
C PHE A 339 18.10 -28.38 1.66
N THR A 340 17.30 -29.12 2.43
CA THR A 340 17.48 -29.21 3.86
C THR A 340 18.89 -29.70 4.11
N ALA A 341 19.35 -30.65 3.31
CA ALA A 341 20.72 -31.11 3.54
C ALA A 341 21.70 -29.93 3.25
N THR A 342 21.45 -29.07 2.25
CA THR A 342 22.36 -27.96 2.12
C THR A 342 22.36 -27.06 3.38
N VAL A 343 21.19 -26.72 3.92
CA VAL A 343 21.11 -25.90 5.11
C VAL A 343 21.93 -26.55 6.24
N LEU A 344 21.76 -27.88 6.46
CA LEU A 344 22.49 -28.61 7.50
C LEU A 344 24.01 -28.58 7.27
N ARG A 345 24.37 -28.78 6.03
CA ARG A 345 25.76 -28.80 5.62
C ARG A 345 26.37 -27.40 5.82
N HIS A 346 25.58 -26.33 5.75
CA HIS A 346 26.11 -24.98 5.96
C HIS A 346 26.24 -24.62 7.41
N LEU A 347 25.31 -25.14 8.19
CA LEU A 347 25.26 -25.01 9.62
C LEU A 347 26.38 -25.91 10.18
N ALA A 348 27.06 -26.66 9.30
CA ALA A 348 28.24 -27.47 9.68
C ALA A 348 29.44 -26.57 9.97
N ALA A 349 29.45 -25.35 9.44
CA ALA A 349 30.47 -24.30 9.77
C ALA A 349 30.33 -23.68 11.22
N ALA A 350 29.78 -24.49 12.14
CA ALA A 350 29.73 -24.17 13.57
C ALA A 350 31.17 -24.02 14.10
N MET B 4 -14.56 26.51 -25.25
CA MET B 4 -13.42 26.29 -24.25
C MET B 4 -12.99 27.47 -23.35
N LYS B 5 -13.78 27.74 -22.31
CA LYS B 5 -13.50 28.86 -21.42
C LYS B 5 -12.95 28.39 -20.09
N VAL B 6 -11.66 28.73 -19.85
CA VAL B 6 -10.84 28.30 -18.70
C VAL B 6 -10.50 29.39 -17.70
N ALA B 7 -10.62 29.10 -16.41
CA ALA B 7 -10.15 30.07 -15.40
C ALA B 7 -8.73 29.63 -14.98
N VAL B 8 -7.72 30.47 -15.12
CA VAL B 8 -6.37 30.04 -14.74
C VAL B 8 -5.94 30.64 -13.43
N LEU B 9 -5.76 29.84 -12.40
CA LEU B 9 -5.26 30.34 -11.10
C LEU B 9 -3.80 29.86 -10.86
N PRO B 10 -2.79 30.59 -11.42
CA PRO B 10 -1.37 30.16 -11.31
C PRO B 10 -0.82 29.98 -9.85
N GLY B 11 -1.31 30.71 -8.86
CA GLY B 11 -0.81 30.49 -7.52
C GLY B 11 0.58 31.03 -7.20
N ASP B 12 1.37 30.25 -6.45
CA ASP B 12 2.69 30.70 -5.95
C ASP B 12 3.91 29.90 -6.35
N GLY B 13 5.07 30.51 -6.07
CA GLY B 13 6.39 29.92 -6.41
C GLY B 13 6.52 29.62 -7.89
N ILE B 14 6.76 28.35 -8.21
CA ILE B 14 6.90 27.89 -9.61
C ILE B 14 5.54 27.88 -10.26
N GLY B 15 4.50 28.04 -9.39
CA GLY B 15 3.12 28.14 -9.81
C GLY B 15 3.00 28.85 -11.15
N PRO B 16 3.30 30.17 -11.21
CA PRO B 16 3.17 30.83 -12.53
C PRO B 16 3.98 30.22 -13.67
N GLU B 17 5.31 30.27 -13.60
CA GLU B 17 6.19 29.71 -14.63
C GLU B 17 5.68 28.46 -15.35
N VAL B 18 5.25 27.46 -14.57
CA VAL B 18 4.81 26.21 -15.18
C VAL B 18 3.47 26.36 -15.84
N THR B 19 2.52 26.95 -15.10
CA THR B 19 1.17 27.23 -15.57
C THR B 19 1.25 28.02 -16.88
N GLU B 20 2.21 28.92 -16.94
CA GLU B 20 2.47 29.77 -18.14
C GLU B 20 2.99 28.95 -19.27
N ALA B 21 3.82 27.97 -18.92
CA ALA B 21 4.35 27.06 -19.92
C ALA B 21 3.17 26.30 -20.48
N ALA B 22 2.23 25.93 -19.63
CA ALA B 22 1.12 25.14 -20.11
C ALA B 22 0.19 25.92 -21.01
N LEU B 23 -0.01 27.21 -20.75
CA LEU B 23 -0.83 28.06 -21.65
C LEU B 23 -0.16 28.28 -22.99
N LYS B 24 1.17 28.25 -23.00
CA LYS B 24 1.90 28.45 -24.23
C LYS B 24 1.59 27.23 -25.13
N VAL B 25 1.34 26.09 -24.50
CA VAL B 25 0.99 24.88 -25.25
C VAL B 25 -0.47 25.04 -25.73
N LEU B 26 -1.33 25.46 -24.80
CA LEU B 26 -2.75 25.69 -25.09
C LEU B 26 -2.95 26.69 -26.23
N ARG B 27 -2.16 27.78 -26.23
CA ARG B 27 -2.26 28.76 -27.31
C ARG B 27 -1.82 28.14 -28.64
N ALA B 28 -0.75 27.32 -28.57
CA ALA B 28 -0.23 26.63 -29.79
C ALA B 28 -1.24 25.59 -30.32
N LEU B 29 -2.13 25.12 -29.44
CA LEU B 29 -3.16 24.17 -29.84
C LEU B 29 -4.37 24.83 -30.39
N ASP B 30 -4.87 25.86 -29.71
CA ASP B 30 -6.03 26.56 -30.20
C ASP B 30 -5.75 27.07 -31.60
N GLU B 31 -4.51 27.50 -31.80
CA GLU B 31 -4.05 27.99 -33.11
C GLU B 31 -4.04 26.92 -34.21
N ALA B 32 -3.53 25.73 -33.88
CA ALA B 32 -3.56 24.64 -34.87
C ALA B 32 -4.98 24.06 -35.06
N GLU B 33 -5.59 23.61 -33.97
CA GLU B 33 -6.91 22.96 -33.96
C GLU B 33 -8.19 23.81 -34.05
N GLY B 34 -8.10 25.07 -33.63
CA GLY B 34 -9.26 25.98 -33.63
C GLY B 34 -10.21 25.67 -32.49
N LEU B 35 -9.71 25.85 -31.28
CA LEU B 35 -10.45 25.48 -30.06
C LEU B 35 -11.42 26.51 -29.53
N GLY B 36 -11.14 27.79 -29.75
CA GLY B 36 -12.00 28.84 -29.18
C GLY B 36 -11.71 28.95 -27.68
N LEU B 37 -10.42 28.74 -27.40
CA LEU B 37 -9.82 28.89 -26.08
C LEU B 37 -10.02 30.31 -25.64
N ALA B 38 -10.55 30.46 -24.43
CA ALA B 38 -10.82 31.78 -23.91
C ALA B 38 -10.62 31.71 -22.43
N TYR B 39 -9.40 32.04 -22.01
CA TYR B 39 -8.99 32.01 -20.62
C TYR B 39 -8.69 33.38 -19.98
N GLU B 40 -8.68 33.38 -18.65
CA GLU B 40 -8.40 34.55 -17.83
C GLU B 40 -7.62 34.17 -16.58
N VAL B 41 -6.69 35.04 -16.17
CA VAL B 41 -5.90 34.81 -14.95
C VAL B 41 -6.43 35.52 -13.72
N PHE B 42 -6.65 34.73 -12.69
CA PHE B 42 -7.18 35.18 -11.43
C PHE B 42 -6.19 34.89 -10.33
N PRO B 43 -6.08 35.81 -9.39
CA PRO B 43 -5.26 35.64 -8.18
C PRO B 43 -5.83 34.59 -7.29
N PHE B 44 -4.98 33.73 -6.77
CA PHE B 44 -5.38 32.62 -5.86
C PHE B 44 -4.16 32.35 -5.00
N GLY B 45 -4.36 31.88 -3.76
CA GLY B 45 -3.26 31.61 -2.82
C GLY B 45 -2.43 32.83 -2.45
N GLY B 46 -1.18 32.60 -2.11
CA GLY B 46 -0.25 33.63 -1.70
C GLY B 46 -0.52 34.91 -2.44
N ALA B 47 -0.62 34.85 -3.78
CA ALA B 47 -0.82 36.04 -4.66
C ALA B 47 -2.07 36.78 -4.27
N ALA B 48 -3.12 36.04 -3.97
CA ALA B 48 -4.40 36.62 -3.57
C ALA B 48 -4.33 37.18 -2.17
N ILE B 49 -3.71 36.46 -1.25
CA ILE B 49 -3.47 36.96 0.13
C ILE B 49 -2.75 38.32 0.14
N ASP B 50 -1.70 38.44 -0.68
CA ASP B 50 -0.95 39.72 -0.79
C ASP B 50 -1.80 40.84 -1.34
N ALA B 51 -2.60 40.55 -2.36
CA ALA B 51 -3.36 41.61 -3.01
C ALA B 51 -4.72 41.85 -2.37
N PHE B 52 -5.27 40.82 -1.73
CA PHE B 52 -6.60 40.89 -1.17
C PHE B 52 -6.76 40.61 0.32
N GLY B 53 -5.82 39.94 0.95
CA GLY B 53 -6.00 39.57 2.38
C GLY B 53 -6.64 38.18 2.59
N GLU B 54 -7.17 37.62 1.51
CA GLU B 54 -7.66 36.24 1.52
C GLU B 54 -7.12 35.54 0.27
N PRO B 55 -6.89 34.23 0.35
CA PRO B 55 -6.29 33.45 -0.75
C PRO B 55 -7.29 33.10 -1.81
N PHE B 56 -8.58 33.23 -1.51
CA PHE B 56 -9.64 32.86 -2.45
C PHE B 56 -10.71 33.92 -2.35
N PRO B 57 -10.44 35.11 -2.94
CA PRO B 57 -11.35 36.22 -2.80
C PRO B 57 -12.43 36.12 -3.85
N GLU B 58 -13.56 36.79 -3.56
CA GLU B 58 -14.73 36.76 -4.45
C GLU B 58 -14.49 36.92 -5.96
N PRO B 59 -13.59 37.81 -6.35
CA PRO B 59 -13.45 37.93 -7.80
C PRO B 59 -12.95 36.67 -8.49
N THR B 60 -12.27 35.82 -7.71
CA THR B 60 -11.73 34.53 -8.19
C THR B 60 -12.78 33.40 -8.06
N ARG B 61 -13.58 33.41 -6.99
CA ARG B 61 -14.60 32.38 -6.84
C ARG B 61 -15.53 32.51 -8.03
N LYS B 62 -15.85 33.75 -8.36
CA LYS B 62 -16.73 34.02 -9.50
C LYS B 62 -16.09 33.62 -10.84
N GLY B 63 -14.81 33.95 -11.02
CA GLY B 63 -14.09 33.62 -12.23
C GLY B 63 -14.08 32.13 -12.48
N VAL B 64 -14.01 31.34 -11.39
CA VAL B 64 -14.00 29.88 -11.47
C VAL B 64 -15.32 29.29 -11.98
N GLU B 65 -16.43 29.78 -11.41
CA GLU B 65 -17.76 29.35 -11.79
C GLU B 65 -18.11 29.68 -13.22
N GLU B 66 -17.65 30.79 -13.71
CA GLU B 66 -17.95 31.17 -15.07
C GLU B 66 -17.04 30.48 -16.10
N ALA B 67 -16.17 29.58 -15.65
CA ALA B 67 -15.31 28.86 -16.58
C ALA B 67 -15.73 27.39 -16.63
N GLU B 68 -15.32 26.68 -17.68
CA GLU B 68 -15.67 25.26 -17.82
C GLU B 68 -14.55 24.37 -17.25
N ALA B 69 -13.36 24.99 -17.02
CA ALA B 69 -12.20 24.32 -16.44
C ALA B 69 -11.32 25.26 -15.65
N VAL B 70 -10.67 24.67 -14.64
CA VAL B 70 -9.71 25.40 -13.83
C VAL B 70 -8.36 24.79 -13.99
N LEU B 71 -7.43 25.59 -14.49
CA LEU B 71 -6.05 25.23 -14.58
C LEU B 71 -5.46 26.06 -13.44
N LEU B 72 -4.85 25.35 -12.53
CA LEU B 72 -4.31 25.88 -11.31
C LEU B 72 -2.89 25.43 -11.26
N GLY B 73 -1.98 26.27 -10.79
CA GLY B 73 -0.60 25.85 -10.52
C GLY B 73 -0.54 25.54 -9.01
N SER B 74 0.63 25.44 -8.42
CA SER B 74 0.66 25.21 -7.00
C SER B 74 0.50 26.51 -6.23
N VAL B 75 0.11 26.40 -4.95
CA VAL B 75 0.04 27.57 -4.06
C VAL B 75 0.85 27.28 -2.80
N GLY B 76 1.17 28.33 -2.06
CA GLY B 76 1.85 28.10 -0.79
C GLY B 76 3.27 28.56 -0.69
N GLY B 77 3.64 28.98 0.51
CA GLY B 77 4.99 29.47 0.67
C GLY B 77 5.31 29.73 2.09
N PRO B 78 6.60 29.93 2.37
CA PRO B 78 7.11 30.16 3.72
C PRO B 78 6.75 31.58 4.16
N LYS B 79 6.50 32.45 3.19
CA LYS B 79 6.07 33.84 3.40
C LYS B 79 4.67 33.91 4.04
N TRP B 80 3.80 32.99 3.65
CA TRP B 80 2.44 32.95 4.09
C TRP B 80 2.17 31.84 5.12
N ASP B 81 3.23 31.35 5.76
CA ASP B 81 3.09 30.27 6.77
C ASP B 81 2.96 30.84 8.15
N GLY B 82 3.66 31.95 8.39
CA GLY B 82 3.54 32.67 9.65
C GLY B 82 2.18 33.38 9.68
N LEU B 83 1.17 32.73 9.08
CA LEU B 83 -0.23 33.21 8.98
C LEU B 83 -1.21 32.21 9.61
N PRO B 84 -2.41 32.67 9.97
CA PRO B 84 -3.35 31.79 10.63
C PRO B 84 -4.34 31.04 9.70
N ARG B 85 -4.99 30.03 10.29
CA ARG B 85 -6.01 29.18 9.67
C ARG B 85 -6.81 29.79 8.54
N LYS B 86 -7.87 30.53 8.91
CA LYS B 86 -8.82 31.22 8.04
C LYS B 86 -8.31 31.75 6.69
N ILE B 87 -7.04 32.17 6.64
CA ILE B 87 -6.47 32.77 5.42
C ILE B 87 -5.26 32.09 4.78
N ARG B 88 -4.92 30.90 5.28
CA ARG B 88 -3.78 30.05 4.79
C ARG B 88 -3.96 29.65 3.30
N PRO B 89 -2.86 29.55 2.54
CA PRO B 89 -3.09 29.15 1.14
C PRO B 89 -3.66 27.72 1.04
N GLU B 90 -3.27 26.88 2.00
CA GLU B 90 -3.83 25.53 2.11
C GLU B 90 -5.38 25.60 2.33
N THR B 91 -5.87 26.56 3.11
CA THR B 91 -7.30 26.71 3.29
C THR B 91 -8.06 27.20 2.02
N GLY B 92 -7.49 28.17 1.29
CA GLY B 92 -8.09 28.66 0.05
C GLY B 92 -8.19 27.52 -0.94
N LEU B 93 -7.22 26.62 -0.85
CA LEU B 93 -7.21 25.44 -1.68
C LEU B 93 -8.38 24.55 -1.27
N LEU B 94 -8.63 24.37 0.03
CA LEU B 94 -9.82 23.59 0.50
C LEU B 94 -11.16 24.22 0.16
N SER B 95 -11.17 25.55 0.04
CA SER B 95 -12.37 26.28 -0.31
C SER B 95 -12.65 26.15 -1.80
N LEU B 96 -11.59 26.19 -2.60
CA LEU B 96 -11.77 26.03 -4.04
C LEU B 96 -12.52 24.72 -4.28
N ARG B 97 -11.94 23.61 -3.84
CA ARG B 97 -12.58 22.27 -3.98
C ARG B 97 -13.99 22.21 -3.46
N LYS B 98 -14.19 22.68 -2.23
CA LYS B 98 -15.50 22.66 -1.64
C LYS B 98 -16.53 23.47 -2.46
N SER B 99 -16.13 24.62 -3.02
CA SER B 99 -17.07 25.45 -3.81
C SER B 99 -17.45 24.82 -5.14
N GLN B 100 -16.66 23.87 -5.65
CA GLN B 100 -16.99 23.17 -6.89
C GLN B 100 -17.65 21.80 -6.64
N ASP B 101 -17.62 21.35 -5.39
CA ASP B 101 -18.20 20.08 -4.99
C ASP B 101 -17.47 18.97 -5.77
N LEU B 102 -16.14 18.96 -5.60
CA LEU B 102 -15.30 18.02 -6.29
C LEU B 102 -15.23 16.81 -5.37
N PHE B 103 -15.63 15.65 -5.90
CA PHE B 103 -15.78 14.46 -5.11
C PHE B 103 -14.91 13.30 -5.55
N ALA B 104 -14.22 13.49 -6.67
CA ALA B 104 -13.30 12.48 -7.20
C ALA B 104 -11.96 13.09 -7.55
N ASN B 105 -10.90 12.48 -7.04
CA ASN B 105 -9.57 12.90 -7.34
C ASN B 105 -9.11 11.85 -8.36
N LEU B 106 -8.67 12.33 -9.52
CA LEU B 106 -8.13 11.48 -10.56
C LEU B 106 -6.66 11.68 -10.66
N ARG B 107 -5.89 10.64 -10.48
CA ARG B 107 -4.48 10.79 -10.68
C ARG B 107 -3.82 9.64 -11.41
N PRO B 108 -3.35 9.93 -12.64
CA PRO B 108 -2.69 8.98 -13.45
C PRO B 108 -1.19 8.87 -13.08
N ALA B 109 -0.68 7.66 -13.09
CA ALA B 109 0.72 7.42 -12.85
C ALA B 109 1.07 6.64 -14.08
N LYS B 110 1.74 7.33 -15.00
CA LYS B 110 2.18 6.76 -16.25
C LYS B 110 3.71 6.63 -16.28
N VAL B 111 4.19 5.56 -16.90
CA VAL B 111 5.61 5.40 -17.16
C VAL B 111 5.79 5.62 -18.70
N PHE B 112 6.44 6.74 -19.03
CA PHE B 112 6.77 7.09 -20.43
C PHE B 112 7.93 6.21 -20.96
N PRO B 113 7.83 5.79 -22.22
CA PRO B 113 8.87 4.96 -22.77
C PRO B 113 10.21 5.70 -22.72
N GLY B 114 11.26 5.04 -22.25
CA GLY B 114 12.56 5.69 -22.13
C GLY B 114 12.74 6.15 -20.69
N LEU B 115 11.65 6.27 -19.95
CA LEU B 115 11.77 6.71 -18.55
C LEU B 115 11.65 5.57 -17.53
N GLU B 116 11.70 4.31 -17.97
CA GLU B 116 11.69 3.14 -17.05
C GLU B 116 12.91 3.13 -16.13
N ARG B 117 13.96 3.83 -16.53
CA ARG B 117 15.15 3.96 -15.70
C ARG B 117 14.88 4.66 -14.36
N LEU B 118 13.94 5.61 -14.36
CA LEU B 118 13.56 6.36 -13.17
C LEU B 118 12.76 5.56 -12.16
N SER B 119 12.07 4.54 -12.63
CA SER B 119 11.20 3.77 -11.74
C SER B 119 11.96 2.92 -10.75
N PRO B 120 11.42 2.86 -9.49
CA PRO B 120 11.92 1.97 -8.45
C PRO B 120 11.69 0.54 -8.90
N LEU B 121 10.59 0.27 -9.63
CA LEU B 121 10.30 -1.08 -10.15
C LEU B 121 11.30 -1.52 -11.23
N LYS B 122 11.57 -2.81 -11.35
CA LYS B 122 12.43 -3.27 -12.44
C LYS B 122 11.90 -2.80 -13.81
N GLU B 123 12.79 -2.56 -14.76
CA GLU B 123 12.38 -2.03 -16.07
C GLU B 123 11.21 -2.84 -16.68
N GLU B 124 11.37 -4.18 -16.70
CA GLU B 124 10.35 -5.16 -17.09
C GLU B 124 8.97 -4.95 -16.43
N ILE B 125 8.91 -4.39 -15.20
CA ILE B 125 7.63 -4.12 -14.48
C ILE B 125 7.14 -2.69 -14.76
N ALA B 126 8.05 -1.72 -14.64
CA ALA B 126 7.70 -0.34 -14.91
C ALA B 126 7.32 -0.13 -16.37
N ARG B 127 7.77 -1.00 -17.30
CA ARG B 127 7.40 -0.73 -18.67
C ARG B 127 5.90 -0.89 -18.92
N GLY B 128 5.34 0.11 -19.60
CA GLY B 128 3.95 0.13 -19.99
C GLY B 128 2.91 0.62 -18.98
N VAL B 129 3.28 0.72 -17.67
CA VAL B 129 2.41 1.23 -16.58
C VAL B 129 1.71 2.55 -16.93
N ASP B 130 0.38 2.55 -16.88
CA ASP B 130 -0.41 3.79 -17.16
C ASP B 130 -1.77 3.58 -16.51
N VAL B 131 -1.85 3.84 -15.22
CA VAL B 131 -3.05 3.58 -14.42
C VAL B 131 -3.60 4.86 -13.85
N LEU B 132 -4.90 5.07 -14.03
CA LEU B 132 -5.59 6.22 -13.48
C LEU B 132 -6.25 5.78 -12.19
N ILE B 133 -5.84 6.37 -11.06
CA ILE B 133 -6.46 6.08 -9.77
C ILE B 133 -7.55 7.12 -9.53
N VAL B 134 -8.77 6.66 -9.34
CA VAL B 134 -9.88 7.54 -9.10
C VAL B 134 -10.26 7.33 -7.64
N ARG B 135 -10.01 8.36 -6.82
CA ARG B 135 -10.27 8.36 -5.37
C ARG B 135 -11.48 9.17 -4.90
N GLU B 136 -12.39 8.60 -4.11
CA GLU B 136 -13.61 9.30 -3.65
C GLU B 136 -13.13 10.23 -2.59
N LEU B 137 -13.44 11.52 -2.75
CA LEU B 137 -12.80 12.58 -1.97
C LEU B 137 -13.55 13.19 -0.79
N THR B 138 -14.87 12.95 -0.70
CA THR B 138 -15.72 13.57 0.34
C THR B 138 -16.40 12.69 1.41
N GLY B 139 -16.19 11.37 1.34
CA GLY B 139 -16.85 10.51 2.30
C GLY B 139 -15.97 9.52 3.03
N GLY B 140 -16.60 8.54 3.67
CA GLY B 140 -15.89 7.51 4.42
C GLY B 140 -15.20 8.00 5.69
N ILE B 141 -14.33 7.12 6.20
CA ILE B 141 -13.65 7.32 7.49
C ILE B 141 -13.14 8.73 7.80
N TYR B 142 -12.56 9.42 6.82
CA TYR B 142 -12.07 10.81 7.05
C TYR B 142 -13.14 11.84 7.45
N PHE B 143 -14.37 11.69 6.95
CA PHE B 143 -15.48 12.61 7.31
C PHE B 143 -16.57 11.90 8.07
N GLY B 144 -16.47 10.56 8.09
CA GLY B 144 -17.43 9.70 8.76
C GLY B 144 -17.70 10.08 10.20
N GLU B 145 -18.91 9.79 10.65
CA GLU B 145 -19.34 10.08 12.02
C GLU B 145 -20.22 8.89 12.39
N PRO B 146 -20.22 8.42 13.67
CA PRO B 146 -19.49 8.85 14.89
C PRO B 146 -17.94 8.77 14.86
N ARG B 147 -17.30 9.75 15.52
CA ARG B 147 -15.86 9.84 15.70
C ARG B 147 -15.56 10.43 17.09
N GLY B 148 -14.45 10.02 17.70
CA GLY B 148 -14.10 10.54 19.02
C GLY B 148 -12.88 9.94 19.65
N MET B 149 -12.37 10.65 20.65
CA MET B 149 -11.14 10.26 21.42
C MET B 149 -11.31 10.36 22.98
N SER B 150 -10.62 9.51 23.74
CA SER B 150 -10.68 9.58 25.23
C SER B 150 -9.48 8.84 25.84
N GLU B 151 -9.19 9.11 27.11
CA GLU B 151 -8.12 8.36 27.80
C GLU B 151 -8.19 6.84 27.51
N ALA B 152 -9.40 6.30 27.28
CA ALA B 152 -9.57 4.85 27.12
C ALA B 152 -9.61 4.29 25.69
N GLU B 153 -10.17 5.05 24.75
CA GLU B 153 -10.29 4.59 23.36
C GLU B 153 -10.46 5.71 22.36
N ALA B 154 -10.34 5.35 21.09
CA ALA B 154 -10.57 6.27 19.98
C ALA B 154 -11.39 5.54 18.92
N TRP B 155 -12.10 6.27 18.08
CA TRP B 155 -12.92 5.64 17.05
C TRP B 155 -13.25 6.54 15.87
N ASN B 156 -13.10 5.97 14.68
CA ASN B 156 -13.48 6.63 13.45
C ASN B 156 -14.42 5.70 12.73
N THR B 157 -15.26 6.27 11.87
CA THR B 157 -16.32 5.51 11.20
C THR B 157 -16.23 5.63 9.70
N GLU B 158 -15.94 4.50 9.06
CA GLU B 158 -15.94 4.38 7.62
C GLU B 158 -17.40 4.15 7.29
N ARG B 159 -18.06 5.20 6.79
CA ARG B 159 -19.46 5.18 6.38
C ARG B 159 -19.57 5.53 4.89
N TYR B 160 -20.42 4.84 4.19
CA TYR B 160 -20.70 5.24 2.82
C TYR B 160 -22.20 5.21 2.51
N SER B 161 -22.65 6.14 1.69
CA SER B 161 -24.06 6.19 1.26
C SER B 161 -24.09 5.77 -0.20
N LYS B 162 -25.25 5.33 -0.68
CA LYS B 162 -25.32 4.88 -2.07
C LYS B 162 -24.91 5.95 -3.14
N PRO B 163 -25.40 7.21 -3.05
CA PRO B 163 -25.00 8.18 -4.09
C PRO B 163 -23.50 8.51 -4.11
N GLU B 164 -22.87 8.49 -2.93
CA GLU B 164 -21.43 8.71 -2.82
C GLU B 164 -20.71 7.72 -3.70
N VAL B 165 -21.08 6.44 -3.58
CA VAL B 165 -20.43 5.38 -4.35
C VAL B 165 -20.78 5.49 -5.82
N GLU B 166 -22.06 5.76 -6.10
CA GLU B 166 -22.57 5.93 -7.46
C GLU B 166 -21.82 6.97 -8.33
N ARG B 167 -21.91 8.25 -7.96
CA ARG B 167 -21.28 9.32 -8.77
C ARG B 167 -19.80 9.08 -8.96
N VAL B 168 -19.13 8.66 -7.89
CA VAL B 168 -17.68 8.37 -7.99
C VAL B 168 -17.44 7.20 -8.96
N ALA B 169 -18.37 6.24 -8.99
CA ALA B 169 -18.31 5.12 -9.95
C ALA B 169 -18.49 5.59 -11.41
N ARG B 170 -19.46 6.48 -11.65
CA ARG B 170 -19.67 6.99 -13.02
C ARG B 170 -18.42 7.68 -13.53
N VAL B 171 -17.79 8.47 -12.67
CA VAL B 171 -16.52 9.11 -13.05
C VAL B 171 -15.50 8.08 -13.59
N ALA B 172 -15.33 7.00 -12.83
CA ALA B 172 -14.43 5.95 -13.25
C ALA B 172 -14.81 5.38 -14.64
N PHE B 173 -16.09 5.13 -14.85
CA PHE B 173 -16.57 4.52 -16.15
C PHE B 173 -16.40 5.47 -17.34
N GLU B 174 -16.79 6.72 -17.12
CA GLU B 174 -16.60 7.75 -18.11
C GLU B 174 -15.14 7.76 -18.60
N ALA B 175 -14.21 7.78 -17.64
CA ALA B 175 -12.74 7.81 -17.87
C ALA B 175 -12.29 6.55 -18.60
N ALA B 176 -12.63 5.40 -18.05
CA ALA B 176 -12.35 4.12 -18.71
C ALA B 176 -12.65 4.18 -20.21
N ARG B 177 -13.90 4.53 -20.57
CA ARG B 177 -14.31 4.66 -21.99
C ARG B 177 -13.29 5.42 -22.82
N LYS B 178 -12.61 6.35 -22.19
CA LYS B 178 -11.64 7.18 -22.89
C LYS B 178 -10.23 6.57 -23.07
N ARG B 179 -9.86 5.62 -22.22
CA ARG B 179 -8.51 5.09 -22.28
C ARG B 179 -8.51 3.64 -22.81
N ARG B 180 -8.24 2.67 -21.93
CA ARG B 180 -8.22 1.25 -22.33
C ARG B 180 -9.44 0.42 -21.90
N LYS B 181 -10.54 1.08 -21.50
CA LYS B 181 -11.84 0.40 -21.20
C LYS B 181 -11.87 -0.71 -20.11
N HIS B 182 -11.26 -0.46 -18.94
CA HIS B 182 -11.29 -1.45 -17.83
C HIS B 182 -11.37 -0.78 -16.45
N VAL B 183 -12.28 -1.27 -15.61
CA VAL B 183 -12.39 -0.76 -14.26
C VAL B 183 -12.23 -1.81 -13.15
N VAL B 184 -11.23 -1.59 -12.30
CA VAL B 184 -11.05 -2.34 -11.11
C VAL B 184 -11.67 -1.48 -10.03
N SER B 185 -12.54 -2.05 -9.24
CA SER B 185 -13.11 -1.36 -8.08
C SER B 185 -12.42 -2.06 -6.92
N VAL B 186 -11.96 -1.30 -5.92
CA VAL B 186 -11.22 -1.84 -4.77
C VAL B 186 -12.00 -1.63 -3.47
N ASP B 187 -12.08 -2.65 -2.63
CA ASP B 187 -12.78 -2.54 -1.36
C ASP B 187 -12.22 -3.57 -0.41
N LYS B 188 -12.91 -3.80 0.70
CA LYS B 188 -12.49 -4.87 1.61
C LYS B 188 -13.74 -5.68 1.91
N ALA B 189 -14.42 -6.08 0.84
CA ALA B 189 -15.71 -6.81 0.91
C ALA B 189 -15.69 -8.17 1.58
N ASN B 190 -14.52 -8.74 1.79
CA ASN B 190 -14.50 -10.08 2.38
C ASN B 190 -14.52 -10.05 3.89
N VAL B 191 -14.47 -8.83 4.45
CA VAL B 191 -14.52 -8.64 5.89
C VAL B 191 -15.48 -7.49 6.29
N LEU B 192 -15.46 -6.39 5.53
CA LEU B 192 -16.33 -5.24 5.86
C LEU B 192 -17.68 -5.16 5.11
N GLU B 193 -18.71 -4.78 5.86
CA GLU B 193 -20.04 -4.58 5.32
C GLU B 193 -19.99 -3.48 4.28
N VAL B 194 -19.18 -2.45 4.56
CA VAL B 194 -18.97 -1.30 3.66
C VAL B 194 -18.44 -1.75 2.32
N GLY B 195 -17.63 -2.80 2.36
CA GLY B 195 -17.10 -3.41 1.17
C GLY B 195 -18.22 -4.04 0.34
N GLU B 196 -19.04 -4.89 0.94
CA GLU B 196 -20.13 -5.51 0.17
C GLU B 196 -20.95 -4.39 -0.44
N PHE B 197 -21.29 -3.42 0.44
CA PHE B 197 -22.11 -2.27 0.09
C PHE B 197 -21.45 -1.64 -1.13
N TRP B 198 -20.14 -1.39 -1.01
CA TRP B 198 -19.38 -0.77 -2.09
C TRP B 198 -19.50 -1.58 -3.36
N ARG B 199 -19.13 -2.86 -3.27
CA ARG B 199 -19.10 -3.71 -4.43
C ARG B 199 -20.47 -3.85 -5.09
N LYS B 200 -21.51 -4.06 -4.27
CA LYS B 200 -22.85 -4.21 -4.82
C LYS B 200 -23.21 -2.95 -5.59
N THR B 201 -23.05 -1.79 -4.95
CA THR B 201 -23.39 -0.54 -5.59
C THR B 201 -22.62 -0.35 -6.87
N VAL B 202 -21.32 -0.62 -6.87
CA VAL B 202 -20.57 -0.48 -8.11
C VAL B 202 -21.14 -1.41 -9.19
N GLU B 203 -21.21 -2.71 -8.92
CA GLU B 203 -21.77 -3.63 -9.90
C GLU B 203 -23.00 -3.05 -10.59
N GLU B 204 -23.89 -2.48 -9.77
CA GLU B 204 -25.14 -1.90 -10.19
C GLU B 204 -24.95 -0.72 -11.15
N VAL B 205 -23.91 0.10 -10.93
CA VAL B 205 -23.59 1.19 -11.87
C VAL B 205 -23.05 0.58 -13.17
N GLY B 206 -22.43 -0.60 -13.05
CA GLY B 206 -21.90 -1.37 -14.16
C GLY B 206 -22.94 -1.70 -15.20
N ARG B 207 -24.18 -1.99 -14.77
CA ARG B 207 -25.34 -2.31 -15.65
C ARG B 207 -25.65 -1.17 -16.64
N GLY B 208 -25.07 0.00 -16.36
CA GLY B 208 -25.23 1.17 -17.21
C GLY B 208 -24.08 1.24 -18.19
N TYR B 209 -23.04 0.46 -17.92
CA TYR B 209 -21.83 0.46 -18.73
C TYR B 209 -21.44 -0.97 -19.05
N PRO B 210 -22.12 -1.61 -20.02
CA PRO B 210 -21.80 -2.98 -20.41
C PRO B 210 -20.53 -2.97 -21.28
N ASP B 211 -20.06 -1.77 -21.56
CA ASP B 211 -18.93 -1.51 -22.41
C ASP B 211 -17.57 -1.60 -21.67
N VAL B 212 -17.58 -1.37 -20.36
CA VAL B 212 -16.34 -1.47 -19.63
C VAL B 212 -16.37 -2.69 -18.77
N ALA B 213 -15.27 -3.43 -18.84
CA ALA B 213 -15.10 -4.63 -18.06
C ALA B 213 -14.90 -4.17 -16.61
N LEU B 214 -15.34 -4.99 -15.68
CA LEU B 214 -15.28 -4.66 -14.30
C LEU B 214 -14.74 -5.86 -13.51
N GLU B 215 -13.64 -5.62 -12.81
CA GLU B 215 -12.94 -6.57 -11.94
C GLU B 215 -13.02 -5.94 -10.53
N HIS B 216 -12.86 -6.74 -9.48
CA HIS B 216 -12.89 -6.26 -8.10
C HIS B 216 -11.71 -6.88 -7.38
N GLN B 217 -11.09 -6.13 -6.47
CA GLN B 217 -9.91 -6.52 -5.71
C GLN B 217 -9.99 -6.01 -4.29
N TYR B 218 -9.39 -6.72 -3.36
CA TYR B 218 -9.40 -6.21 -1.97
C TYR B 218 -8.23 -5.27 -1.86
N VAL B 219 -8.43 -4.19 -1.10
CA VAL B 219 -7.38 -3.18 -0.92
C VAL B 219 -6.04 -3.86 -0.63
N ASP B 220 -6.01 -4.91 0.24
CA ASP B 220 -4.72 -5.60 0.53
C ASP B 220 -4.10 -6.22 -0.70
N ALA B 221 -4.89 -6.96 -1.44
CA ALA B 221 -4.42 -7.54 -2.72
C ALA B 221 -3.98 -6.48 -3.70
N MET B 222 -4.67 -5.36 -3.72
CA MET B 222 -4.34 -4.34 -4.74
C MET B 222 -2.92 -3.72 -4.46
N ALA B 223 -2.59 -3.56 -3.18
CA ALA B 223 -1.28 -3.09 -2.80
C ALA B 223 -0.24 -4.07 -3.39
N MET B 224 -0.53 -5.36 -3.38
CA MET B 224 0.36 -6.33 -4.04
C MET B 224 0.36 -6.14 -5.56
N HIS B 225 -0.79 -6.16 -6.20
CA HIS B 225 -0.79 -6.12 -7.65
C HIS B 225 -0.09 -4.89 -8.12
N LEU B 226 -0.25 -3.79 -7.38
CA LEU B 226 0.36 -2.51 -7.82
C LEU B 226 1.88 -2.48 -7.80
N VAL B 227 2.53 -3.39 -7.07
CA VAL B 227 3.99 -3.49 -7.12
C VAL B 227 4.41 -4.58 -8.10
N ARG B 228 3.70 -5.71 -8.14
CA ARG B 228 4.13 -6.84 -9.02
C ARG B 228 3.70 -6.72 -10.46
N SER B 229 2.53 -6.08 -10.71
CA SER B 229 2.04 -5.95 -12.10
C SER B 229 1.16 -4.72 -12.32
N PRO B 230 1.74 -3.56 -12.07
CA PRO B 230 0.94 -2.37 -12.23
C PRO B 230 0.48 -2.17 -13.67
N ALA B 231 1.25 -2.67 -14.63
CA ALA B 231 0.96 -2.47 -16.08
C ALA B 231 -0.35 -3.00 -16.64
N ARG B 232 -1.04 -3.85 -15.89
CA ARG B 232 -2.29 -4.38 -16.42
C ARG B 232 -3.51 -3.56 -15.99
N PHE B 233 -3.31 -2.49 -15.23
CA PHE B 233 -4.47 -1.72 -14.76
C PHE B 233 -4.74 -0.52 -15.61
N ASP B 234 -6.01 -0.22 -15.81
CA ASP B 234 -6.37 0.94 -16.57
C ASP B 234 -6.93 1.91 -15.58
N VAL B 235 -8.10 1.56 -15.03
CA VAL B 235 -8.78 2.45 -14.11
C VAL B 235 -9.16 1.81 -12.80
N VAL B 236 -8.80 2.47 -11.70
CA VAL B 236 -9.01 1.91 -10.37
C VAL B 236 -9.94 2.84 -9.64
N VAL B 237 -11.01 2.31 -9.05
CA VAL B 237 -11.89 3.20 -8.27
C VAL B 237 -12.05 2.63 -6.89
N THR B 238 -12.08 3.51 -5.87
CA THR B 238 -12.17 3.08 -4.51
C THR B 238 -12.51 4.27 -3.61
N GLY B 239 -12.78 3.99 -2.33
CA GLY B 239 -13.11 4.96 -1.28
C GLY B 239 -12.01 5.92 -0.84
N ASN B 240 -12.28 6.73 0.19
CA ASN B 240 -11.34 7.78 0.57
C ASN B 240 -9.97 7.33 1.08
N ILE B 241 -9.94 6.69 2.25
CA ILE B 241 -8.67 6.19 2.79
C ILE B 241 -7.92 5.23 1.80
N PHE B 242 -8.61 4.23 1.25
CA PHE B 242 -7.96 3.31 0.33
C PHE B 242 -7.48 4.07 -0.92
N GLY B 243 -8.20 5.10 -1.31
CA GLY B 243 -7.77 5.80 -2.49
C GLY B 243 -6.56 6.62 -2.12
N ASP B 244 -6.51 7.15 -0.91
CA ASP B 244 -5.37 7.92 -0.49
C ASP B 244 -4.11 7.01 -0.56
N ILE B 245 -4.19 5.85 0.07
CA ILE B 245 -3.14 4.88 0.08
C ILE B 245 -2.73 4.39 -1.34
N LEU B 246 -3.73 4.04 -2.13
CA LEU B 246 -3.41 3.41 -3.37
C LEU B 246 -2.86 4.39 -4.33
N SER B 247 -3.35 5.62 -4.28
CA SER B 247 -2.79 6.62 -5.21
C SER B 247 -1.41 7.09 -4.75
N ASP B 248 -1.19 7.17 -3.45
CA ASP B 248 0.21 7.44 -3.03
C ASP B 248 1.14 6.25 -3.49
N LEU B 249 0.64 5.01 -3.39
CA LEU B 249 1.43 3.89 -3.82
C LEU B 249 1.75 4.03 -5.27
N ALA B 250 0.73 4.31 -6.08
CA ALA B 250 0.87 4.39 -7.52
C ALA B 250 1.68 5.58 -7.97
N SER B 251 1.72 6.61 -7.15
CA SER B 251 2.48 7.83 -7.51
C SER B 251 3.99 7.64 -7.56
N VAL B 252 4.52 6.66 -6.83
CA VAL B 252 5.97 6.44 -6.78
C VAL B 252 6.48 5.49 -7.88
N LEU B 253 5.57 4.74 -8.53
CA LEU B 253 5.95 3.87 -9.66
C LEU B 253 6.64 4.64 -10.84
N PRO B 254 6.21 5.86 -11.16
CA PRO B 254 7.11 6.41 -12.20
C PRO B 254 8.44 6.89 -11.64
N GLY B 255 8.58 6.88 -10.31
CA GLY B 255 9.86 7.30 -9.71
C GLY B 255 10.35 8.73 -9.83
N SER B 256 9.57 9.64 -10.41
CA SER B 256 9.87 11.10 -10.42
C SER B 256 8.52 11.85 -10.16
N LEU B 257 8.29 12.18 -8.89
CA LEU B 257 7.01 12.78 -8.45
C LEU B 257 6.64 14.15 -9.07
N GLY B 258 7.64 14.92 -9.45
CA GLY B 258 7.43 16.22 -10.06
C GLY B 258 6.85 16.20 -11.46
N LEU B 259 6.68 15.03 -12.05
CA LEU B 259 6.11 14.86 -13.40
C LEU B 259 4.61 14.65 -13.45
N LEU B 260 3.98 14.46 -12.29
CA LEU B 260 2.61 14.04 -12.20
C LEU B 260 1.54 15.12 -12.17
N PRO B 261 0.49 14.95 -13.04
CA PRO B 261 -0.68 15.80 -13.20
C PRO B 261 -1.83 15.29 -12.33
N SER B 262 -2.84 16.12 -12.11
CA SER B 262 -3.97 15.77 -11.20
C SER B 262 -5.28 16.47 -11.54
N ALA B 263 -6.43 15.81 -11.40
CA ALA B 263 -7.72 16.53 -11.60
C ALA B 263 -8.71 16.24 -10.51
N SER B 264 -9.67 17.13 -10.40
CA SER B 264 -10.73 16.95 -9.44
C SER B 264 -12.04 17.29 -10.14
N LEU B 265 -12.82 16.24 -10.35
CA LEU B 265 -14.14 16.30 -11.00
C LEU B 265 -15.20 16.36 -9.96
N GLY B 266 -16.31 16.98 -10.32
CA GLY B 266 -17.36 17.13 -9.34
C GLY B 266 -18.50 17.74 -10.07
N ARG B 267 -19.37 18.45 -9.35
CA ARG B 267 -20.56 19.04 -9.94
C ARG B 267 -20.32 20.42 -10.53
N GLY B 268 -19.32 21.12 -9.99
CA GLY B 268 -18.90 22.44 -10.43
C GLY B 268 -17.74 22.40 -11.42
N THR B 269 -16.93 23.45 -11.45
CA THR B 269 -15.82 23.48 -12.41
C THR B 269 -14.69 22.52 -12.01
N PRO B 270 -14.31 21.63 -12.91
CA PRO B 270 -13.24 20.75 -12.55
C PRO B 270 -11.96 21.57 -12.40
N VAL B 271 -10.97 20.99 -11.72
CA VAL B 271 -9.67 21.59 -11.41
C VAL B 271 -8.52 20.67 -11.84
N PHE B 272 -7.55 21.26 -12.50
CA PHE B 272 -6.46 20.53 -13.03
C PHE B 272 -5.19 21.14 -12.49
N GLU B 273 -4.44 20.33 -11.77
CA GLU B 273 -3.23 20.82 -11.13
C GLU B 273 -2.16 19.79 -11.12
N PRO B 274 -0.92 20.26 -10.97
CA PRO B 274 0.28 19.46 -10.79
C PRO B 274 0.19 18.95 -9.38
N VAL B 275 0.64 17.71 -9.13
CA VAL B 275 0.63 17.16 -7.80
C VAL B 275 1.72 17.87 -6.98
N HIS B 276 2.76 18.34 -7.68
CA HIS B 276 3.95 18.97 -7.04
C HIS B 276 3.75 20.31 -6.30
N GLY B 277 4.58 20.52 -5.27
CA GLY B 277 4.58 21.72 -4.43
C GLY B 277 4.97 23.05 -5.09
N SER B 278 4.97 24.11 -4.28
CA SER B 278 5.28 25.42 -4.84
C SER B 278 6.76 25.56 -5.19
N ALA B 279 7.64 25.04 -4.31
CA ALA B 279 9.11 25.05 -4.48
C ALA B 279 9.75 26.46 -4.59
N PRO B 280 9.70 27.27 -3.51
CA PRO B 280 10.22 28.64 -3.67
C PRO B 280 11.73 28.60 -3.93
N ASP B 281 12.38 27.64 -3.28
CA ASP B 281 13.79 27.30 -3.48
C ASP B 281 14.18 27.65 -4.95
N ILE B 282 13.41 27.14 -5.92
CA ILE B 282 13.65 27.39 -7.36
C ILE B 282 12.69 28.33 -8.13
N ALA B 283 11.63 28.81 -7.45
CA ALA B 283 10.65 29.77 -8.00
C ALA B 283 11.34 30.90 -8.76
N GLY B 284 10.86 31.19 -9.96
CA GLY B 284 11.53 32.15 -10.86
C GLY B 284 12.63 31.31 -11.46
N LYS B 285 13.76 31.91 -11.83
CA LYS B 285 14.92 31.11 -12.32
C LYS B 285 14.80 30.35 -13.67
N GLY B 286 13.58 30.12 -14.14
CA GLY B 286 13.33 29.41 -15.39
C GLY B 286 13.95 28.02 -15.48
N ILE B 287 13.83 27.24 -14.40
CA ILE B 287 14.33 25.87 -14.39
C ILE B 287 13.28 24.82 -14.09
N ALA B 288 12.25 25.21 -13.33
CA ALA B 288 11.10 24.34 -13.00
C ALA B 288 10.60 23.51 -14.17
N ASN B 289 10.33 22.23 -13.89
CA ASN B 289 9.87 21.29 -14.91
C ASN B 289 8.37 21.48 -15.24
N PRO B 290 8.07 22.14 -16.38
CA PRO B 290 6.67 22.45 -16.73
C PRO B 290 5.84 21.23 -17.16
N THR B 291 6.46 20.05 -17.07
CA THR B 291 5.77 18.82 -17.46
C THR B 291 4.45 18.52 -16.77
N ALA B 292 4.38 18.63 -15.46
CA ALA B 292 3.16 18.25 -14.76
C ALA B 292 2.03 19.19 -15.11
N ALA B 293 2.38 20.45 -15.36
CA ALA B 293 1.40 21.47 -15.68
C ALA B 293 0.87 21.23 -17.10
N ILE B 294 1.77 21.00 -18.07
CA ILE B 294 1.35 20.76 -19.46
C ILE B 294 0.47 19.53 -19.50
N LEU B 295 0.73 18.57 -18.62
CA LEU B 295 -0.04 17.33 -18.54
C LEU B 295 -1.35 17.51 -17.88
N SER B 296 -1.45 18.47 -16.97
CA SER B 296 -2.66 18.86 -16.27
C SER B 296 -3.58 19.48 -17.28
N ALA B 297 -2.99 20.30 -18.16
CA ALA B 297 -3.72 21.00 -19.21
C ALA B 297 -4.25 19.91 -20.13
N ALA B 298 -3.44 18.85 -20.28
CA ALA B 298 -3.83 17.75 -21.14
C ALA B 298 -4.96 16.95 -20.46
N MET B 299 -4.89 16.73 -19.14
CA MET B 299 -5.98 16.05 -18.49
C MET B 299 -7.21 16.92 -18.65
N MET B 300 -7.00 18.24 -18.70
CA MET B 300 -8.09 19.22 -18.85
C MET B 300 -8.87 18.97 -20.14
N LEU B 301 -8.24 19.17 -21.30
CA LEU B 301 -8.80 18.87 -22.61
C LEU B 301 -9.55 17.50 -22.57
N GLU B 302 -8.98 16.52 -21.88
CA GLU B 302 -9.58 15.20 -21.83
C GLU B 302 -10.81 15.11 -20.94
N HIS B 303 -10.65 15.49 -19.67
CA HIS B 303 -11.75 15.34 -18.72
C HIS B 303 -12.78 16.47 -18.71
N ALA B 304 -12.35 17.66 -19.08
CA ALA B 304 -13.23 18.80 -19.11
C ALA B 304 -13.90 18.95 -20.45
N PHE B 305 -13.12 18.85 -21.53
CA PHE B 305 -13.64 19.10 -22.88
C PHE B 305 -13.67 17.91 -23.86
N GLY B 306 -13.38 16.73 -23.33
CA GLY B 306 -13.49 15.54 -24.14
C GLY B 306 -12.65 15.41 -25.39
N LEU B 307 -11.70 16.32 -25.61
CA LEU B 307 -10.80 16.22 -26.77
C LEU B 307 -9.73 15.16 -26.44
N VAL B 308 -10.19 13.91 -26.34
CA VAL B 308 -9.34 12.79 -25.99
C VAL B 308 -8.15 12.74 -26.95
N GLU B 309 -8.42 12.49 -28.22
CA GLU B 309 -7.36 12.37 -29.20
C GLU B 309 -6.31 13.48 -29.06
N LEU B 310 -6.78 14.69 -28.73
CA LEU B 310 -5.92 15.85 -28.58
C LEU B 310 -5.10 15.79 -27.25
N ALA B 311 -5.75 15.49 -26.14
CA ALA B 311 -5.01 15.32 -24.94
C ALA B 311 -3.87 14.33 -25.23
N ARG B 312 -4.14 13.33 -26.09
CA ARG B 312 -3.12 12.30 -26.39
C ARG B 312 -1.93 12.84 -27.17
N LYS B 313 -2.16 13.79 -28.08
CA LYS B 313 -1.03 14.31 -28.82
C LYS B 313 -0.21 15.15 -27.85
N VAL B 314 -0.90 15.80 -26.90
CA VAL B 314 -0.16 16.56 -25.91
C VAL B 314 0.72 15.61 -25.12
N GLU B 315 0.11 14.64 -24.43
CA GLU B 315 0.88 13.65 -23.68
C GLU B 315 2.08 13.17 -24.46
N ASP B 316 1.84 12.67 -25.66
CA ASP B 316 2.91 12.19 -26.55
C ASP B 316 4.01 13.27 -26.77
N ALA B 317 3.57 14.48 -27.06
CA ALA B 317 4.50 15.56 -27.31
C ALA B 317 5.35 15.70 -26.05
N VAL B 318 4.74 15.58 -24.88
CA VAL B 318 5.53 15.63 -23.64
C VAL B 318 6.48 14.43 -23.54
N ALA B 319 6.00 13.23 -23.84
CA ALA B 319 6.82 12.02 -23.80
C ALA B 319 8.11 12.18 -24.59
N LYS B 320 8.01 12.55 -25.89
CA LYS B 320 9.18 12.74 -26.77
C LYS B 320 10.09 13.85 -26.31
N ALA B 321 9.50 14.82 -25.61
CA ALA B 321 10.26 15.93 -25.06
C ALA B 321 11.07 15.45 -23.87
N LEU B 322 10.47 14.58 -23.08
CA LEU B 322 11.16 14.10 -21.90
C LEU B 322 12.38 13.33 -22.30
N LEU B 323 12.26 12.62 -23.42
CA LEU B 323 13.31 11.81 -24.01
C LEU B 323 14.32 12.65 -24.79
N GLU B 324 13.86 13.63 -25.60
CA GLU B 324 14.83 14.39 -26.44
C GLU B 324 15.69 15.33 -25.61
N THR B 325 15.08 16.32 -24.96
CA THR B 325 15.87 17.24 -24.12
C THR B 325 15.29 17.35 -22.74
N PRO B 326 15.69 16.38 -21.88
CA PRO B 326 15.26 16.21 -20.46
C PRO B 326 15.49 17.40 -19.53
N PRO B 327 14.54 17.66 -18.62
CA PRO B 327 14.65 18.68 -17.58
C PRO B 327 15.67 18.26 -16.51
N PRO B 328 16.24 19.24 -15.78
CA PRO B 328 17.21 18.99 -14.72
C PRO B 328 16.89 17.92 -13.69
N ASP B 329 15.61 17.77 -13.34
CA ASP B 329 15.26 16.73 -12.35
C ASP B 329 15.48 15.31 -12.92
N LEU B 330 15.55 15.23 -14.25
CA LEU B 330 15.91 13.96 -14.92
C LEU B 330 17.38 13.88 -15.35
N GLY B 331 18.27 14.58 -14.64
CA GLY B 331 19.70 14.58 -14.92
C GLY B 331 20.07 15.46 -16.10
N GLY B 332 19.07 15.79 -16.93
CA GLY B 332 19.26 16.63 -18.13
C GLY B 332 19.58 18.08 -17.80
N SER B 333 19.66 18.92 -18.84
CA SER B 333 19.92 20.34 -18.62
C SER B 333 18.96 21.35 -19.32
N ALA B 334 17.71 20.96 -19.54
CA ALA B 334 16.74 21.86 -20.17
C ALA B 334 15.77 22.57 -19.17
N GLY B 335 15.78 23.89 -19.20
CA GLY B 335 14.87 24.73 -18.38
C GLY B 335 13.48 24.88 -18.98
N THR B 336 12.57 25.50 -18.22
CA THR B 336 11.18 25.76 -18.60
C THR B 336 11.09 26.28 -20.06
N GLU B 337 11.66 27.45 -20.38
CA GLU B 337 11.63 27.90 -21.80
C GLU B 337 12.23 26.87 -22.78
N ALA B 338 13.40 26.32 -22.46
CA ALA B 338 14.01 25.33 -23.34
C ALA B 338 13.08 24.13 -23.57
N PHE B 339 12.58 23.54 -22.48
CA PHE B 339 11.72 22.36 -22.56
C PHE B 339 10.41 22.61 -23.24
N THR B 340 9.74 23.69 -22.89
CA THR B 340 8.45 23.97 -23.49
C THR B 340 8.60 24.18 -25.01
N ALA B 341 9.76 24.74 -25.41
CA ALA B 341 9.99 24.92 -26.85
C ALA B 341 10.08 23.50 -27.48
N THR B 342 10.76 22.57 -26.80
CA THR B 342 10.80 21.17 -27.26
C THR B 342 9.40 20.55 -27.42
N VAL B 343 8.57 20.59 -26.36
CA VAL B 343 7.19 20.09 -26.47
C VAL B 343 6.51 20.68 -27.73
N LEU B 344 6.82 21.94 -28.05
CA LEU B 344 6.19 22.56 -29.23
C LEU B 344 6.59 21.99 -30.58
N ARG B 345 7.90 21.83 -30.79
CA ARG B 345 8.39 21.27 -32.05
C ARG B 345 7.74 19.92 -32.29
N HIS B 346 7.68 19.08 -31.23
CA HIS B 346 7.01 17.79 -31.28
C HIS B 346 5.46 17.86 -31.30
N LEU B 347 4.88 19.04 -31.28
CA LEU B 347 3.42 19.10 -31.40
C LEU B 347 3.00 19.44 -32.88
N ALA B 348 3.59 18.71 -33.84
CA ALA B 348 3.34 18.81 -35.29
C ALA B 348 3.59 17.46 -36.01
N ALA B 349 2.72 16.58 -36.15
MN MN C . -4.43 -9.81 3.50
MN MN D . -1.76 10.89 0.93
MN MN E . -14.68 39.54 -16.02
#